data_3JYF
#
_entry.id   3JYF
#
_cell.length_a   106.041
_cell.length_b   106.041
_cell.length_c   182.967
_cell.angle_alpha   90.00
_cell.angle_beta   90.00
_cell.angle_gamma   90.00
#
_symmetry.space_group_name_H-M   'P 41 21 2'
#
loop_
_entity.id
_entity.type
_entity.pdbx_description
1 polymer "2',3'-cyclic nucleotide 2'-phosphodiesterase/3'-nucleotidase bifunctional periplasmic protein"
2 non-polymer 'MANGANESE (II) ION'
3 non-polymer '4-(2-HYDROXYETHYL)-1-PIPERAZINE ETHANESULFONIC ACID'
4 non-polymer GLYCEROL
5 non-polymer 'SULFATE ION'
6 non-polymer TRIS(HYDROXYETHYL)AMINOMETHANE
7 water water
#
_entity_poly.entity_id   1
_entity_poly.type   'polypeptide(L)'
_entity_poly.pdbx_seq_one_letter_code
;SVNAATVDLRI(MSE)ETTDLHSN(MSE)(MSE)DFDYYKDAATEKFGLVRTASLIEQARAEVKNSVLVDNGDVIQGSPL
GDY(MSE)AAKGLKEGDVHPVYKA(MSE)NTLNYAVGNLGNHEFNYGLDFLHKALAGAKFPYVNANIIDAKTGKP(MSE)
FTPYLIQDTRVVDSDGQIHTLRIGYIGFVPPQI(MSE)TWDKANLNGKVTVNDITETARKYIPE(MSE)RAKGADVVVVV
AHSGLSADPYQA(MSE)AENSVYYLSQVPGVDAI(MSE)FGHAHAVFPGKDFANIKGADIAKGTLNGVPAV(MSE)PG
(MSE)WGDHLGVVDLVLNNDSGKWQVTQSKAEARPIYDAVAKKSLAAEDGKLVSVLKADHDATREFVSK
;
_entity_poly.pdbx_strand_id   A,B
#
loop_
_chem_comp.id
_chem_comp.type
_chem_comp.name
_chem_comp.formula
EPE non-polymer '4-(2-HYDROXYETHYL)-1-PIPERAZINE ETHANESULFONIC ACID' 'C8 H18 N2 O4 S'
GOL non-polymer GLYCEROL 'C3 H8 O3'
MN non-polymer 'MANGANESE (II) ION' 'Mn 2'
SO4 non-polymer 'SULFATE ION' 'O4 S -2'
TAM non-polymer TRIS(HYDROXYETHYL)AMINOMETHANE 'C7 H17 N O3'
#
# COMPACT_ATOMS: atom_id res chain seq x y z
N ALA A 4 34.44 -38.86 -17.57
CA ALA A 4 33.11 -38.64 -18.16
C ALA A 4 32.04 -38.64 -17.05
N ALA A 5 32.10 -37.61 -16.21
CA ALA A 5 31.16 -37.46 -15.08
C ALA A 5 29.89 -36.70 -15.45
N THR A 6 28.77 -37.14 -14.86
CA THR A 6 27.50 -36.43 -14.96
C THR A 6 27.08 -35.94 -13.59
N VAL A 7 26.92 -34.63 -13.44
CA VAL A 7 26.49 -34.02 -12.17
C VAL A 7 25.13 -33.35 -12.28
N ASP A 8 24.25 -33.64 -11.32
CA ASP A 8 22.99 -32.91 -11.12
C ASP A 8 23.18 -31.76 -10.15
N LEU A 9 22.72 -30.57 -10.56
CA LEU A 9 22.77 -29.39 -9.69
C LEU A 9 21.41 -28.73 -9.56
N ARG A 10 20.98 -28.59 -8.32
CA ARG A 10 19.77 -27.88 -7.98
C ARG A 10 20.11 -26.51 -7.40
N ILE A 11 19.49 -25.48 -7.95
CA ILE A 11 19.64 -24.12 -7.45
C ILE A 11 18.28 -23.65 -6.97
N MSE A 12 18.20 -23.32 -5.69
CA MSE A 12 16.96 -22.84 -5.08
C MSE A 12 17.06 -21.33 -4.79
O MSE A 12 18.17 -20.79 -4.57
CB MSE A 12 16.65 -23.61 -3.80
CG MSE A 12 16.61 -25.11 -4.00
SE MSE A 12 16.78 -26.11 -2.33
CE MSE A 12 18.53 -25.52 -1.76
N GLU A 13 15.91 -20.68 -4.78
CA GLU A 13 15.85 -19.22 -4.65
C GLU A 13 14.64 -18.74 -3.88
N THR A 14 14.89 -17.87 -2.90
CA THR A 14 13.84 -17.03 -2.33
C THR A 14 13.98 -15.60 -2.89
N THR A 15 12.84 -14.92 -3.07
CA THR A 15 12.85 -13.57 -3.58
C THR A 15 11.75 -12.74 -2.95
N ASP A 16 12.01 -11.44 -2.81
CA ASP A 16 10.98 -10.48 -2.41
C ASP A 16 10.27 -10.93 -1.13
N LEU A 17 11.06 -11.43 -0.18
CA LEU A 17 10.53 -11.81 1.10
C LEU A 17 9.91 -10.63 1.84
N HIS A 18 10.48 -9.43 1.63
CA HIS A 18 9.95 -8.20 2.20
C HIS A 18 9.78 -8.27 3.72
N SER A 19 10.80 -8.82 4.37
CA SER A 19 10.87 -9.12 5.80
C SER A 19 9.66 -9.84 6.39
N ASN A 20 8.92 -10.55 5.55
CA ASN A 20 7.89 -11.46 6.05
C ASN A 20 8.52 -12.77 6.51
N MSE A 21 9.15 -12.75 7.67
CA MSE A 21 9.73 -13.96 8.22
C MSE A 21 8.65 -14.88 8.76
O MSE A 21 8.63 -16.08 8.44
CB MSE A 21 10.75 -13.63 9.31
CG MSE A 21 11.91 -12.78 8.84
SE MSE A 21 12.99 -13.65 7.45
CE MSE A 21 12.16 -12.92 5.82
N MSE A 22 7.73 -14.31 9.54
CA MSE A 22 6.64 -15.07 10.14
C MSE A 22 5.49 -15.23 9.15
O MSE A 22 5.24 -14.34 8.33
CB MSE A 22 6.11 -14.35 11.38
CG MSE A 22 7.00 -14.51 12.62
SE MSE A 22 7.11 -16.38 13.23
CE MSE A 22 5.23 -16.84 13.36
N ASP A 23 4.81 -16.37 9.21
CA ASP A 23 3.55 -16.57 8.50
C ASP A 23 2.46 -15.90 9.32
N PHE A 24 2.57 -14.57 9.45
CA PHE A 24 1.67 -13.82 10.28
C PHE A 24 1.34 -12.47 9.67
N ASP A 25 0.06 -12.16 9.61
CA ASP A 25 -0.44 -10.87 9.15
C ASP A 25 -0.67 -9.96 10.35
N TYR A 26 0.23 -9.01 10.57
CA TYR A 26 0.20 -8.19 11.76
C TYR A 26 -0.94 -7.17 11.77
N TYR A 27 -1.50 -6.88 10.61
CA TYR A 27 -2.61 -5.92 10.53
C TYR A 27 -3.91 -6.58 10.89
N LYS A 28 -4.14 -7.77 10.34
CA LYS A 28 -5.20 -8.65 10.82
C LYS A 28 -4.88 -9.20 12.22
N ASP A 29 -3.62 -9.08 12.64
CA ASP A 29 -3.10 -9.74 13.85
C ASP A 29 -3.48 -11.23 13.94
N ALA A 30 -3.25 -11.97 12.86
CA ALA A 30 -3.62 -13.38 12.76
C ALA A 30 -2.69 -14.13 11.82
N ALA A 31 -2.53 -15.43 12.07
CA ALA A 31 -1.66 -16.29 11.25
C ALA A 31 -2.19 -16.47 9.84
N THR A 32 -1.31 -16.86 8.94
CA THR A 32 -1.70 -17.15 7.57
C THR A 32 -0.93 -18.37 7.10
N GLU A 33 -1.46 -19.03 6.08
CA GLU A 33 -0.75 -20.11 5.39
C GLU A 33 -0.23 -19.65 4.03
N LYS A 34 -0.46 -18.38 3.69
CA LYS A 34 -0.26 -17.88 2.33
C LYS A 34 1.13 -17.29 2.06
N PHE A 35 1.84 -16.90 3.13
CA PHE A 35 3.18 -16.30 3.02
C PHE A 35 4.02 -16.54 4.27
N GLY A 36 5.31 -16.22 4.19
CA GLY A 36 6.22 -16.25 5.35
C GLY A 36 7.37 -17.23 5.16
N LEU A 37 8.59 -16.79 5.41
CA LEU A 37 9.78 -17.64 5.27
C LEU A 37 9.69 -18.93 6.08
N VAL A 38 9.13 -18.85 7.29
CA VAL A 38 8.95 -20.03 8.15
C VAL A 38 8.21 -21.17 7.43
N ARG A 39 7.43 -20.85 6.41
CA ARG A 39 6.76 -21.90 5.65
C ARG A 39 7.51 -22.26 4.39
N THR A 40 8.21 -21.28 3.84
CA THR A 40 8.96 -21.54 2.63
C THR A 40 10.23 -22.38 2.97
N ALA A 41 10.68 -22.28 4.23
CA ALA A 41 11.73 -23.17 4.75
C ALA A 41 11.37 -24.68 4.67
N SER A 42 10.09 -25.01 4.78
CA SER A 42 9.67 -26.39 4.61
C SER A 42 9.83 -26.80 3.15
N LEU A 43 9.59 -25.87 2.22
CA LEU A 43 9.78 -26.18 0.82
C LEU A 43 11.26 -26.35 0.53
N ILE A 44 12.09 -25.55 1.21
CA ILE A 44 13.54 -25.67 1.07
C ILE A 44 14.02 -27.05 1.56
N GLU A 45 13.63 -27.44 2.76
CA GLU A 45 14.04 -28.72 3.32
C GLU A 45 13.61 -29.89 2.42
N GLN A 46 12.38 -29.83 1.93
CA GLN A 46 11.87 -30.85 1.02
C GLN A 46 12.69 -30.94 -0.28
N ALA A 47 13.05 -29.79 -0.86
CA ALA A 47 13.75 -29.74 -2.14
C ALA A 47 15.19 -30.21 -2.01
N ARG A 48 15.80 -29.92 -0.85
CA ARG A 48 17.15 -30.39 -0.50
C ARG A 48 17.21 -31.90 -0.33
N ALA A 49 16.16 -32.48 0.26
CA ALA A 49 16.10 -33.90 0.51
C ALA A 49 15.90 -34.69 -0.78
N GLU A 50 15.32 -34.08 -1.81
CA GLU A 50 15.09 -34.80 -3.07
C GLU A 50 16.34 -35.02 -3.93
N VAL A 51 17.45 -34.38 -3.58
CA VAL A 51 18.64 -34.41 -4.44
C VAL A 51 19.92 -34.51 -3.63
N LYS A 52 21.03 -34.79 -4.31
CA LYS A 52 22.32 -34.85 -3.63
C LYS A 52 22.98 -33.47 -3.58
N ASN A 53 22.97 -32.74 -4.69
CA ASN A 53 23.69 -31.46 -4.82
C ASN A 53 22.73 -30.28 -4.96
N SER A 54 22.82 -29.32 -4.04
CA SER A 54 21.96 -28.15 -4.09
C SER A 54 22.59 -26.90 -3.49
N VAL A 55 22.16 -25.74 -3.98
CA VAL A 55 22.60 -24.46 -3.42
C VAL A 55 21.41 -23.50 -3.30
N LEU A 56 21.49 -22.57 -2.36
CA LEU A 56 20.37 -21.67 -2.10
C LEU A 56 20.77 -20.19 -2.15
N VAL A 57 20.02 -19.40 -2.91
CA VAL A 57 20.29 -17.97 -3.02
C VAL A 57 19.08 -17.12 -2.67
N ASP A 58 19.33 -15.92 -2.16
CA ASP A 58 18.26 -14.96 -2.01
C ASP A 58 18.41 -13.79 -2.99
N ASN A 59 17.28 -13.39 -3.59
CA ASN A 59 17.27 -12.35 -4.64
C ASN A 59 17.03 -10.92 -4.16
N GLY A 60 16.98 -10.69 -2.84
CA GLY A 60 16.81 -9.32 -2.31
C GLY A 60 15.37 -8.85 -2.14
N ASP A 61 15.22 -7.56 -1.82
CA ASP A 61 13.96 -7.00 -1.29
C ASP A 61 13.53 -7.79 -0.09
N VAL A 62 14.37 -7.74 0.94
CA VAL A 62 14.25 -8.59 2.08
C VAL A 62 14.21 -7.86 3.44
N ILE A 63 14.90 -6.73 3.55
CA ILE A 63 14.95 -6.01 4.82
C ILE A 63 13.89 -4.91 4.95
N GLN A 64 12.91 -4.89 4.04
CA GLN A 64 11.93 -3.82 3.96
C GLN A 64 10.63 -4.36 3.43
N GLY A 65 9.50 -3.79 3.86
CA GLY A 65 8.21 -4.12 3.23
C GLY A 65 7.16 -4.85 4.03
N SER A 66 7.40 -5.06 5.34
CA SER A 66 6.36 -5.59 6.22
C SER A 66 6.59 -5.03 7.61
N PRO A 67 5.63 -5.24 8.55
CA PRO A 67 5.81 -4.65 9.88
C PRO A 67 7.11 -4.98 10.59
N LEU A 68 7.63 -6.20 10.45
CA LEU A 68 8.93 -6.51 11.05
C LEU A 68 9.99 -5.56 10.51
N GLY A 69 9.92 -5.28 9.21
CA GLY A 69 10.85 -4.36 8.59
C GLY A 69 10.65 -2.95 9.09
N ASP A 70 9.39 -2.55 9.21
CA ASP A 70 9.03 -1.22 9.70
C ASP A 70 9.52 -1.05 11.15
N TYR A 71 9.22 -2.05 11.96
CA TYR A 71 9.72 -2.11 13.34
C TYR A 71 11.24 -1.95 13.43
N MSE A 72 11.98 -2.71 12.62
CA MSE A 72 13.45 -2.69 12.69
C MSE A 72 14.04 -1.41 12.15
O MSE A 72 15.12 -1.01 12.58
CB MSE A 72 14.06 -3.88 11.95
CG MSE A 72 13.94 -5.19 12.68
SE MSE A 72 14.68 -5.13 14.51
CE MSE A 72 16.51 -4.53 14.19
N ALA A 73 13.35 -0.75 11.24
CA ALA A 73 13.82 0.53 10.72
C ALA A 73 13.65 1.61 11.77
N ALA A 74 12.50 1.59 12.45
CA ALA A 74 12.24 2.52 13.55
C ALA A 74 13.18 2.25 14.74
N LYS A 75 13.44 0.98 15.03
CA LYS A 75 14.36 0.62 16.11
C LYS A 75 15.78 1.00 15.78
N GLY A 76 16.17 0.78 14.52
CA GLY A 76 17.53 1.06 14.09
C GLY A 76 18.46 -0.11 14.35
N LEU A 77 19.68 -0.01 13.86
CA LEU A 77 20.69 -1.03 14.09
C LEU A 77 21.94 -0.36 14.58
N LYS A 78 22.50 -0.90 15.66
CA LYS A 78 23.79 -0.45 16.15
C LYS A 78 24.81 -1.45 15.64
N GLU A 79 26.09 -1.06 15.68
N GLU A 79 26.09 -1.07 15.64
CA GLU A 79 27.18 -1.93 15.23
CA GLU A 79 27.13 -1.93 15.09
C GLU A 79 27.09 -3.28 15.91
C GLU A 79 27.14 -3.25 15.86
N GLY A 80 27.18 -4.36 15.13
CA GLY A 80 27.12 -5.71 15.69
C GLY A 80 25.73 -6.30 15.86
N ASP A 81 24.68 -5.49 15.69
CA ASP A 81 23.32 -6.03 15.71
C ASP A 81 23.07 -6.97 14.51
N VAL A 82 22.24 -7.99 14.76
CA VAL A 82 21.84 -8.93 13.73
C VAL A 82 20.37 -8.71 13.44
N HIS A 83 20.08 -8.20 12.24
CA HIS A 83 18.72 -7.95 11.82
C HIS A 83 17.97 -9.29 11.86
N PRO A 84 16.72 -9.28 12.35
CA PRO A 84 15.95 -10.51 12.45
C PRO A 84 15.85 -11.32 11.15
N VAL A 85 15.86 -10.68 9.99
CA VAL A 85 15.77 -11.50 8.77
C VAL A 85 16.99 -12.41 8.66
N TYR A 86 18.15 -11.91 9.11
CA TYR A 86 19.38 -12.70 9.09
C TYR A 86 19.45 -13.70 10.27
N LYS A 87 18.81 -13.37 11.39
CA LYS A 87 18.65 -14.34 12.47
C LYS A 87 18.00 -15.59 11.88
N ALA A 88 16.98 -15.38 11.06
CA ALA A 88 16.32 -16.49 10.39
C ALA A 88 17.20 -17.12 9.29
N MSE A 89 17.69 -16.29 8.36
CA MSE A 89 18.34 -16.77 7.13
C MSE A 89 19.71 -17.39 7.36
O MSE A 89 20.14 -18.26 6.60
CB MSE A 89 18.43 -15.65 6.10
CG MSE A 89 17.05 -15.27 5.55
SE MSE A 89 17.06 -13.58 4.62
CE MSE A 89 17.61 -14.23 2.88
N ASN A 90 20.38 -16.93 8.41
CA ASN A 90 21.65 -17.51 8.82
C ASN A 90 21.58 -18.99 9.19
N THR A 91 20.36 -19.48 9.46
CA THR A 91 20.18 -20.90 9.81
C THR A 91 19.88 -21.78 8.59
N LEU A 92 19.80 -21.18 7.41
CA LEU A 92 19.28 -21.89 6.25
C LEU A 92 20.36 -22.24 5.20
N ASN A 93 21.61 -21.87 5.52
CA ASN A 93 22.76 -22.14 4.66
C ASN A 93 22.54 -21.64 3.20
N TYR A 94 22.32 -20.33 3.08
CA TYR A 94 22.32 -19.63 1.80
C TYR A 94 23.73 -19.59 1.26
N ALA A 95 23.87 -19.82 -0.04
CA ALA A 95 25.17 -19.65 -0.71
C ALA A 95 25.51 -18.16 -0.86
N VAL A 96 24.52 -17.35 -1.24
CA VAL A 96 24.77 -15.94 -1.54
C VAL A 96 23.49 -15.13 -1.43
N GLY A 97 23.65 -13.85 -1.13
CA GLY A 97 22.54 -12.91 -1.21
C GLY A 97 22.72 -11.85 -2.29
N ASN A 98 21.62 -11.43 -2.87
CA ASN A 98 21.63 -10.36 -3.86
C ASN A 98 20.86 -9.13 -3.32
N LEU A 99 21.20 -7.93 -3.79
CA LEU A 99 20.49 -6.72 -3.35
C LEU A 99 19.30 -6.32 -4.23
N GLY A 100 18.15 -6.05 -3.60
CA GLY A 100 16.97 -5.57 -4.29
C GLY A 100 16.84 -4.06 -4.15
N ASN A 101 15.90 -3.44 -4.87
CA ASN A 101 15.77 -1.98 -4.77
C ASN A 101 15.42 -1.46 -3.37
N HIS A 102 14.57 -2.20 -2.66
CA HIS A 102 14.13 -1.74 -1.35
C HIS A 102 15.19 -1.85 -0.26
N GLU A 103 16.29 -2.56 -0.52
CA GLU A 103 17.43 -2.55 0.43
C GLU A 103 18.02 -1.15 0.67
N PHE A 104 17.67 -0.19 -0.18
CA PHE A 104 18.23 1.17 -0.10
C PHE A 104 17.31 2.19 0.57
N ASN A 105 16.09 1.77 0.90
CA ASN A 105 15.07 2.69 1.41
C ASN A 105 15.49 3.35 2.74
N TYR A 106 16.34 2.70 3.53
CA TYR A 106 16.67 3.26 4.84
C TYR A 106 18.06 3.85 4.88
N GLY A 107 18.69 4.00 3.72
CA GLY A 107 20.00 4.63 3.63
C GLY A 107 21.13 3.62 3.62
N LEU A 108 22.30 4.04 3.17
CA LEU A 108 23.40 3.13 2.97
C LEU A 108 24.01 2.63 4.28
N ASP A 109 24.05 3.50 5.30
N ASP A 109 24.04 3.51 5.28
CA ASP A 109 24.58 3.12 6.61
CA ASP A 109 24.57 3.16 6.60
C ASP A 109 23.74 1.96 7.19
C ASP A 109 23.75 2.00 7.21
N PHE A 110 22.42 2.13 7.18
CA PHE A 110 21.53 1.09 7.67
C PHE A 110 21.74 -0.22 6.92
N LEU A 111 21.90 -0.11 5.59
CA LEU A 111 22.12 -1.28 4.75
C LEU A 111 23.42 -2.00 5.12
N HIS A 112 24.51 -1.26 5.22
CA HIS A 112 25.81 -1.89 5.54
C HIS A 112 25.77 -2.62 6.89
N LYS A 113 25.12 -2.01 7.88
CA LYS A 113 24.99 -2.64 9.19
C LYS A 113 24.14 -3.91 9.09
N ALA A 114 23.07 -3.85 8.29
CA ALA A 114 22.20 -5.01 8.11
C ALA A 114 22.96 -6.15 7.47
N LEU A 115 23.59 -5.89 6.32
CA LEU A 115 24.36 -6.91 5.58
C LEU A 115 25.46 -7.53 6.44
N ALA A 116 26.09 -6.72 7.30
CA ALA A 116 27.16 -7.22 8.17
C ALA A 116 26.69 -8.33 9.12
N GLY A 117 25.39 -8.40 9.39
CA GLY A 117 24.86 -9.46 10.24
C GLY A 117 24.64 -10.77 9.51
N ALA A 118 24.66 -10.75 8.17
CA ALA A 118 24.43 -11.97 7.41
C ALA A 118 25.67 -12.83 7.46
N LYS A 119 25.48 -14.14 7.66
CA LYS A 119 26.60 -15.06 7.71
C LYS A 119 26.81 -15.72 6.36
N PHE A 120 26.36 -15.04 5.31
CA PHE A 120 26.62 -15.46 3.95
C PHE A 120 26.99 -14.22 3.11
N PRO A 121 27.79 -14.42 2.04
CA PRO A 121 28.26 -13.26 1.26
C PRO A 121 27.15 -12.62 0.41
N TYR A 122 27.27 -11.30 0.19
CA TYR A 122 26.40 -10.57 -0.72
C TYR A 122 27.11 -10.15 -2.01
N VAL A 123 26.38 -10.21 -3.12
CA VAL A 123 26.90 -9.69 -4.37
C VAL A 123 26.02 -8.60 -4.95
N ASN A 124 26.65 -7.65 -5.65
CA ASN A 124 25.98 -6.77 -6.62
C ASN A 124 27.00 -6.21 -7.57
N ALA A 125 26.76 -6.31 -8.88
CA ALA A 125 27.77 -5.95 -9.89
C ALA A 125 27.58 -4.58 -10.53
N ASN A 126 26.38 -4.02 -10.46
CA ASN A 126 26.11 -2.81 -11.23
C ASN A 126 26.11 -1.45 -10.47
N ILE A 127 26.16 -1.49 -9.15
CA ILE A 127 26.29 -0.27 -8.36
C ILE A 127 27.74 0.16 -8.15
N ILE A 128 28.03 1.41 -8.48
CA ILE A 128 29.40 1.98 -8.42
C ILE A 128 29.54 3.07 -7.38
N ASP A 129 30.66 3.03 -6.66
CA ASP A 129 31.02 4.07 -5.71
C ASP A 129 31.44 5.33 -6.49
N ALA A 130 30.62 6.37 -6.40
CA ALA A 130 30.88 7.62 -7.10
C ALA A 130 32.23 8.25 -6.77
N LYS A 131 32.82 7.87 -5.63
CA LYS A 131 34.10 8.42 -5.24
C LYS A 131 35.29 7.80 -5.96
N THR A 132 35.12 6.56 -6.47
CA THR A 132 36.25 5.81 -6.95
C THR A 132 36.09 5.19 -8.32
N GLY A 133 34.85 4.88 -8.72
CA GLY A 133 34.64 4.11 -9.93
C GLY A 133 34.78 2.60 -9.66
N LYS A 134 34.88 2.24 -8.38
CA LYS A 134 34.89 0.84 -7.95
C LYS A 134 33.45 0.37 -7.68
N PRO A 135 33.14 -0.90 -7.98
CA PRO A 135 31.87 -1.45 -7.51
C PRO A 135 31.81 -1.24 -6.01
N MSE A 136 30.67 -0.76 -5.52
CA MSE A 136 30.55 -0.58 -4.08
C MSE A 136 30.51 -1.93 -3.37
O MSE A 136 30.95 -2.04 -2.24
CB MSE A 136 29.34 0.27 -3.73
CG MSE A 136 29.12 0.37 -2.22
SE MSE A 136 27.66 1.55 -1.74
CE MSE A 136 28.81 3.13 -1.74
N PHE A 137 29.98 -2.94 -4.05
CA PHE A 137 29.83 -4.26 -3.43
C PHE A 137 30.72 -5.25 -4.16
N THR A 138 30.76 -6.49 -3.66
CA THR A 138 31.42 -7.57 -4.39
C THR A 138 30.56 -7.90 -5.63
N PRO A 139 31.10 -7.69 -6.84
CA PRO A 139 30.30 -7.88 -8.06
C PRO A 139 29.88 -9.34 -8.34
N TYR A 140 30.72 -10.29 -7.97
CA TYR A 140 30.43 -11.70 -8.18
C TYR A 140 31.25 -12.59 -7.23
N LEU A 141 30.74 -13.78 -6.98
CA LEU A 141 31.40 -14.75 -6.14
C LEU A 141 31.62 -16.01 -6.96
N ILE A 142 32.84 -16.52 -6.94
CA ILE A 142 33.09 -17.87 -7.47
C ILE A 142 33.36 -18.79 -6.28
N GLN A 143 32.42 -19.70 -6.03
CA GLN A 143 32.43 -20.48 -4.81
C GLN A 143 32.73 -21.93 -5.15
N ASP A 144 33.81 -22.46 -4.57
CA ASP A 144 34.16 -23.88 -4.65
C ASP A 144 33.07 -24.70 -3.99
N THR A 145 32.43 -25.56 -4.77
CA THR A 145 31.32 -26.30 -4.26
C THR A 145 31.53 -27.79 -4.47
N ARG A 146 31.54 -28.52 -3.36
CA ARG A 146 31.62 -29.98 -3.33
C ARG A 146 30.34 -30.61 -3.90
N VAL A 147 30.49 -31.39 -4.96
CA VAL A 147 29.37 -32.07 -5.57
C VAL A 147 29.72 -33.55 -5.78
N VAL A 148 28.72 -34.39 -6.03
CA VAL A 148 28.95 -35.80 -6.32
C VAL A 148 28.32 -36.16 -7.65
N ASP A 149 29.04 -36.87 -8.52
CA ASP A 149 28.46 -37.24 -9.82
C ASP A 149 27.59 -38.49 -9.72
N SER A 150 27.03 -38.92 -10.86
CA SER A 150 26.15 -40.09 -10.91
C SER A 150 26.85 -41.45 -10.61
N ASP A 151 28.17 -41.44 -10.42
CA ASP A 151 28.90 -42.65 -10.05
C ASP A 151 29.45 -42.54 -8.63
N GLY A 152 29.05 -41.50 -7.92
CA GLY A 152 29.51 -41.31 -6.56
C GLY A 152 30.86 -40.64 -6.41
N GLN A 153 31.46 -40.26 -7.54
N GLN A 153 31.51 -40.29 -7.53
CA GLN A 153 32.76 -39.56 -7.56
CA GLN A 153 32.78 -39.59 -7.45
C GLN A 153 32.56 -38.08 -7.17
C GLN A 153 32.53 -38.12 -7.11
N ILE A 154 33.40 -37.58 -6.27
CA ILE A 154 33.29 -36.21 -5.78
C ILE A 154 34.15 -35.24 -6.61
N HIS A 155 33.56 -34.07 -6.94
CA HIS A 155 34.25 -33.01 -7.68
C HIS A 155 34.13 -31.68 -6.96
N THR A 156 35.09 -30.78 -7.23
CA THR A 156 34.97 -29.40 -6.80
C THR A 156 34.44 -28.60 -7.98
N LEU A 157 33.18 -28.16 -7.87
CA LEU A 157 32.53 -27.36 -8.91
C LEU A 157 32.65 -25.85 -8.54
N ARG A 158 33.11 -25.05 -9.49
CA ARG A 158 33.29 -23.63 -9.21
C ARG A 158 32.07 -22.85 -9.71
N ILE A 159 31.19 -22.52 -8.77
CA ILE A 159 29.91 -21.93 -9.11
C ILE A 159 30.03 -20.43 -8.97
N GLY A 160 29.77 -19.74 -10.07
CA GLY A 160 29.79 -18.29 -10.05
C GLY A 160 28.40 -17.70 -9.88
N TYR A 161 28.31 -16.74 -8.97
CA TYR A 161 27.08 -16.00 -8.72
C TYR A 161 27.35 -14.51 -8.96
N ILE A 162 26.51 -13.87 -9.75
CA ILE A 162 26.61 -12.45 -10.00
C ILE A 162 25.22 -11.83 -9.83
N GLY A 163 25.16 -10.68 -9.15
CA GLY A 163 23.90 -10.04 -8.81
C GLY A 163 23.65 -8.65 -9.40
N PHE A 164 22.39 -8.31 -9.60
CA PHE A 164 22.00 -7.06 -10.26
C PHE A 164 20.78 -6.44 -9.60
N VAL A 165 20.75 -5.10 -9.59
CA VAL A 165 19.67 -4.31 -9.02
C VAL A 165 19.13 -3.38 -10.13
N PRO A 166 17.85 -2.97 -10.05
CA PRO A 166 17.39 -2.01 -11.06
C PRO A 166 18.13 -0.67 -10.95
N PRO A 167 18.55 -0.11 -12.11
CA PRO A 167 19.18 1.22 -12.13
C PRO A 167 18.25 2.29 -11.57
N GLN A 168 16.94 2.01 -11.57
CA GLN A 168 15.94 2.97 -11.12
C GLN A 168 16.07 3.32 -9.63
N ILE A 169 16.92 2.63 -8.89
CA ILE A 169 17.15 3.03 -7.50
C ILE A 169 17.64 4.47 -7.41
N MSE A 170 18.31 4.95 -8.46
CA MSE A 170 18.79 6.35 -8.52
C MSE A 170 17.64 7.34 -8.49
O MSE A 170 17.82 8.46 -8.04
CB MSE A 170 19.66 6.59 -9.77
CG MSE A 170 20.99 5.80 -9.82
SE MSE A 170 21.99 5.85 -8.10
CE MSE A 170 22.13 7.82 -7.97
N THR A 171 16.46 6.93 -8.98
CA THR A 171 15.24 7.76 -8.86
C THR A 171 14.50 7.47 -7.56
N TRP A 172 14.24 6.18 -7.32
CA TRP A 172 13.43 5.73 -6.22
C TRP A 172 14.04 6.12 -4.87
N ASP A 173 15.37 6.06 -4.80
CA ASP A 173 16.09 6.50 -3.61
C ASP A 173 17.08 7.64 -3.88
N LYS A 174 16.69 8.57 -4.75
CA LYS A 174 17.50 9.77 -5.04
C LYS A 174 18.12 10.42 -3.79
N ALA A 175 17.30 10.76 -2.80
CA ALA A 175 17.80 11.40 -1.56
C ALA A 175 18.90 10.59 -0.88
N ASN A 176 18.72 9.27 -0.81
CA ASN A 176 19.73 8.42 -0.18
C ASN A 176 20.97 8.15 -1.03
N LEU A 177 20.87 8.27 -2.36
CA LEU A 177 21.93 7.71 -3.24
C LEU A 177 22.62 8.71 -4.15
N ASN A 178 21.90 9.77 -4.51
CA ASN A 178 22.42 10.82 -5.41
C ASN A 178 23.73 11.40 -4.90
N GLY A 179 24.75 11.33 -5.75
CA GLY A 179 26.11 11.75 -5.37
C GLY A 179 26.95 10.74 -4.62
N LYS A 180 26.41 9.57 -4.30
CA LYS A 180 27.17 8.58 -3.55
C LYS A 180 27.48 7.36 -4.41
N VAL A 181 26.50 7.01 -5.26
CA VAL A 181 26.66 5.93 -6.22
C VAL A 181 25.99 6.28 -7.55
N THR A 182 26.37 5.55 -8.59
CA THR A 182 25.63 5.46 -9.84
C THR A 182 25.35 3.96 -10.07
N VAL A 183 24.52 3.65 -11.06
CA VAL A 183 24.17 2.26 -11.35
C VAL A 183 24.17 2.00 -12.84
N ASN A 184 24.86 0.95 -13.25
CA ASN A 184 25.01 0.65 -14.66
C ASN A 184 23.90 -0.25 -15.15
N ASP A 185 23.70 -0.24 -16.47
CA ASP A 185 22.82 -1.17 -17.15
C ASP A 185 23.06 -2.66 -16.80
N ILE A 186 22.00 -3.37 -16.44
CA ILE A 186 22.06 -4.79 -16.06
C ILE A 186 22.73 -5.68 -17.12
N THR A 187 22.18 -5.67 -18.34
CA THR A 187 22.68 -6.51 -19.42
C THR A 187 24.11 -6.17 -19.80
N GLU A 188 24.40 -4.88 -19.93
CA GLU A 188 25.76 -4.45 -20.21
C GLU A 188 26.77 -4.94 -19.15
N THR A 189 26.39 -4.87 -17.87
CA THR A 189 27.22 -5.36 -16.78
C THR A 189 27.40 -6.89 -16.83
N ALA A 190 26.32 -7.62 -17.11
CA ALA A 190 26.43 -9.07 -17.25
C ALA A 190 27.41 -9.46 -18.35
N ARG A 191 27.29 -8.80 -19.52
CA ARG A 191 28.12 -9.11 -20.67
C ARG A 191 29.59 -8.88 -20.36
N LYS A 192 29.88 -7.87 -19.56
CA LYS A 192 31.28 -7.61 -19.33
C LYS A 192 31.91 -8.46 -18.24
N TYR A 193 31.13 -8.87 -17.24
CA TYR A 193 31.69 -9.67 -16.15
C TYR A 193 31.74 -11.18 -16.40
N ILE A 194 30.79 -11.70 -17.16
CA ILE A 194 30.73 -13.14 -17.34
C ILE A 194 32.05 -13.71 -17.93
N PRO A 195 32.62 -13.08 -18.99
CA PRO A 195 33.95 -13.51 -19.46
C PRO A 195 35.07 -13.46 -18.40
N GLU A 196 35.10 -12.41 -17.59
CA GLU A 196 36.04 -12.34 -16.48
C GLU A 196 35.84 -13.55 -15.54
N MSE A 197 34.58 -13.87 -15.25
CA MSE A 197 34.27 -14.99 -14.35
C MSE A 197 34.71 -16.32 -14.97
O MSE A 197 35.29 -17.16 -14.27
CB MSE A 197 32.77 -15.03 -13.99
CG MSE A 197 32.28 -13.91 -13.11
SE MSE A 197 30.31 -13.71 -13.25
CE MSE A 197 29.86 -15.13 -11.95
N ARG A 198 34.47 -16.49 -16.25
N ARG A 198 34.42 -16.52 -16.25
CA ARG A 198 34.86 -17.71 -16.93
CA ARG A 198 34.86 -17.70 -16.99
C ARG A 198 36.39 -17.86 -16.97
C ARG A 198 36.38 -17.83 -16.90
N ALA A 199 37.08 -16.74 -17.24
CA ALA A 199 38.56 -16.71 -17.24
C ALA A 199 39.16 -17.02 -15.89
N LYS A 200 38.43 -16.74 -14.81
CA LYS A 200 38.92 -17.04 -13.46
C LYS A 200 38.54 -18.45 -13.01
N GLY A 201 37.92 -19.22 -13.90
CA GLY A 201 37.60 -20.62 -13.63
C GLY A 201 36.18 -20.96 -13.15
N ALA A 202 35.21 -20.08 -13.38
CA ALA A 202 33.83 -20.46 -13.09
C ALA A 202 33.36 -21.55 -14.05
N ASP A 203 32.79 -22.61 -13.50
CA ASP A 203 32.25 -23.73 -14.27
C ASP A 203 30.77 -23.50 -14.59
N VAL A 204 30.05 -22.86 -13.66
CA VAL A 204 28.64 -22.56 -13.83
C VAL A 204 28.41 -21.10 -13.49
N VAL A 205 27.58 -20.43 -14.28
CA VAL A 205 27.30 -19.03 -14.02
C VAL A 205 25.81 -18.82 -13.75
N VAL A 206 25.53 -18.40 -12.52
CA VAL A 206 24.21 -18.19 -12.00
C VAL A 206 23.99 -16.70 -11.83
N VAL A 207 23.09 -16.15 -12.65
CA VAL A 207 22.64 -14.79 -12.56
C VAL A 207 21.53 -14.67 -11.51
N VAL A 208 21.73 -13.80 -10.54
CA VAL A 208 20.71 -13.51 -9.52
C VAL A 208 20.29 -12.07 -9.73
N ALA A 209 19.18 -11.89 -10.43
CA ALA A 209 18.79 -10.59 -10.91
C ALA A 209 17.53 -10.08 -10.22
N HIS A 210 17.65 -8.97 -9.51
CA HIS A 210 16.45 -8.37 -8.97
C HIS A 210 15.81 -7.47 -10.03
N SER A 211 15.17 -8.12 -10.99
CA SER A 211 14.70 -7.47 -12.20
C SER A 211 13.67 -8.41 -12.82
N GLY A 212 12.57 -7.85 -13.32
CA GLY A 212 11.52 -8.65 -13.93
C GLY A 212 11.75 -8.96 -15.40
N LEU A 213 10.70 -9.45 -16.03
CA LEU A 213 10.80 -9.94 -17.39
C LEU A 213 9.86 -9.17 -18.29
N SER A 214 10.40 -8.59 -19.34
CA SER A 214 9.60 -7.82 -20.29
C SER A 214 9.98 -8.18 -21.73
N ALA A 215 8.99 -8.15 -22.62
CA ALA A 215 9.22 -8.42 -24.05
C ALA A 215 9.61 -7.15 -24.84
N ASP A 216 9.61 -5.99 -24.18
CA ASP A 216 10.11 -4.78 -24.85
C ASP A 216 11.49 -5.00 -25.53
N PRO A 217 11.74 -4.34 -26.67
CA PRO A 217 13.10 -4.43 -27.23
C PRO A 217 14.11 -3.82 -26.25
N TYR A 218 15.32 -4.35 -26.24
CA TYR A 218 16.38 -3.85 -25.37
C TYR A 218 16.56 -2.35 -25.43
N GLN A 219 16.72 -1.74 -24.27
CA GLN A 219 17.11 -0.36 -24.17
C GLN A 219 17.94 -0.23 -22.89
N ALA A 220 19.09 0.43 -22.97
CA ALA A 220 19.96 0.57 -21.79
C ALA A 220 19.15 1.13 -20.62
N MSE A 221 19.50 0.68 -19.40
CA MSE A 221 18.83 1.09 -18.13
C MSE A 221 17.44 0.50 -17.93
O MSE A 221 16.74 0.86 -16.98
CB MSE A 221 18.80 2.63 -17.97
CG MSE A 221 20.16 3.34 -18.22
SE MSE A 221 21.55 2.64 -17.01
CE MSE A 221 23.03 3.76 -17.58
N ALA A 222 17.01 -0.43 -18.80
CA ALA A 222 15.76 -1.17 -18.61
C ALA A 222 15.67 -1.76 -17.18
N GLU A 223 14.53 -1.52 -16.55
CA GLU A 223 14.29 -1.99 -15.22
C GLU A 223 14.13 -3.52 -15.22
N ASN A 224 13.47 -4.03 -16.25
CA ASN A 224 13.12 -5.43 -16.29
C ASN A 224 13.91 -6.06 -17.42
N SER A 225 15.03 -6.65 -17.04
CA SER A 225 16.05 -7.02 -18.03
C SER A 225 16.25 -8.52 -18.23
N VAL A 226 15.36 -9.33 -17.70
CA VAL A 226 15.59 -10.77 -17.70
C VAL A 226 15.61 -11.35 -19.13
N TYR A 227 14.76 -10.82 -20.02
CA TYR A 227 14.82 -11.27 -21.40
C TYR A 227 16.22 -11.10 -22.03
N TYR A 228 16.85 -9.94 -21.81
CA TYR A 228 18.14 -9.62 -22.44
C TYR A 228 19.24 -10.45 -21.79
N LEU A 229 19.16 -10.58 -20.47
CA LEU A 229 20.03 -11.50 -19.74
C LEU A 229 20.01 -12.92 -20.32
N SER A 230 18.86 -13.40 -20.77
CA SER A 230 18.78 -14.78 -21.24
C SER A 230 19.49 -14.96 -22.58
N GLN A 231 19.88 -13.84 -23.20
CA GLN A 231 20.60 -13.87 -24.48
C GLN A 231 22.09 -13.58 -24.33
N VAL A 232 22.54 -13.41 -23.10
CA VAL A 232 23.94 -13.16 -22.84
C VAL A 232 24.68 -14.49 -22.81
N PRO A 233 25.72 -14.64 -23.66
CA PRO A 233 26.45 -15.94 -23.68
C PRO A 233 27.02 -16.26 -22.32
N GLY A 234 26.95 -17.54 -21.95
CA GLY A 234 27.52 -18.02 -20.69
C GLY A 234 26.63 -17.94 -19.48
N VAL A 235 25.39 -17.46 -19.64
CA VAL A 235 24.43 -17.47 -18.54
C VAL A 235 23.88 -18.90 -18.43
N ASP A 236 24.09 -19.55 -17.29
CA ASP A 236 23.58 -20.92 -17.15
C ASP A 236 22.23 -21.03 -16.44
N ALA A 237 21.88 -20.01 -15.66
CA ALA A 237 20.58 -19.94 -14.95
C ALA A 237 20.25 -18.52 -14.54
N ILE A 238 18.96 -18.16 -14.58
CA ILE A 238 18.52 -16.87 -14.08
C ILE A 238 17.53 -17.00 -12.90
N MSE A 239 17.98 -16.61 -11.73
CA MSE A 239 17.14 -16.51 -10.56
C MSE A 239 16.66 -15.06 -10.47
O MSE A 239 17.46 -14.14 -10.23
CB MSE A 239 17.92 -16.94 -9.29
CG MSE A 239 18.97 -18.09 -9.51
SE MSE A 239 18.18 -19.69 -10.38
CE MSE A 239 17.21 -20.39 -8.85
N PHE A 240 15.37 -14.82 -10.67
CA PHE A 240 14.89 -13.44 -10.67
C PHE A 240 13.70 -13.13 -9.76
N GLY A 241 13.12 -11.95 -9.92
CA GLY A 241 12.22 -11.39 -8.91
C GLY A 241 11.81 -9.97 -9.30
N HIS A 242 11.60 -9.12 -8.30
CA HIS A 242 11.18 -7.73 -8.49
C HIS A 242 9.75 -7.57 -9.03
N ALA A 243 9.34 -8.37 -10.02
CA ALA A 243 7.98 -8.27 -10.58
C ALA A 243 6.84 -8.80 -9.69
N HIS A 244 7.16 -9.57 -8.64
CA HIS A 244 6.14 -10.18 -7.80
C HIS A 244 5.14 -11.04 -8.60
N ALA A 245 5.63 -11.70 -9.64
CA ALA A 245 4.78 -12.57 -10.43
C ALA A 245 5.40 -13.98 -10.40
N VAL A 246 4.84 -14.92 -11.16
CA VAL A 246 5.35 -16.29 -11.12
C VAL A 246 5.84 -16.71 -12.49
N PHE A 247 7.13 -17.05 -12.56
CA PHE A 247 7.72 -17.65 -13.76
C PHE A 247 8.44 -18.95 -13.37
N PRO A 248 8.24 -20.02 -14.15
CA PRO A 248 7.38 -20.10 -15.34
C PRO A 248 5.90 -20.15 -14.96
N GLY A 249 5.06 -19.64 -15.84
CA GLY A 249 3.64 -19.52 -15.56
C GLY A 249 2.95 -18.82 -16.73
N LYS A 250 1.62 -18.82 -16.71
CA LYS A 250 0.81 -18.31 -17.82
C LYS A 250 0.96 -16.81 -18.10
N ASP A 251 1.40 -16.04 -17.10
CA ASP A 251 1.58 -14.61 -17.31
C ASP A 251 2.60 -14.33 -18.41
N PHE A 252 3.44 -15.33 -18.70
CA PHE A 252 4.56 -15.13 -19.62
C PHE A 252 4.51 -15.96 -20.90
N ALA A 253 3.32 -16.48 -21.18
CA ALA A 253 3.07 -17.38 -22.32
C ALA A 253 3.33 -16.73 -23.67
N ASN A 254 3.22 -15.42 -23.74
CA ASN A 254 3.33 -14.71 -25.02
C ASN A 254 4.71 -14.17 -25.36
N ILE A 255 5.72 -14.57 -24.59
CA ILE A 255 7.08 -14.08 -24.76
C ILE A 255 7.82 -15.03 -25.67
N LYS A 256 8.44 -14.52 -26.73
CA LYS A 256 9.17 -15.40 -27.64
C LYS A 256 10.35 -16.10 -26.92
N GLY A 257 10.39 -17.43 -27.04
CA GLY A 257 11.46 -18.24 -26.43
C GLY A 257 11.17 -18.65 -25.00
N ALA A 258 10.00 -18.27 -24.49
CA ALA A 258 9.57 -18.75 -23.18
C ALA A 258 8.86 -20.10 -23.32
N ASP A 259 9.51 -21.16 -22.83
CA ASP A 259 8.93 -22.48 -22.74
C ASP A 259 8.41 -22.61 -21.31
N ILE A 260 7.11 -22.43 -21.16
CA ILE A 260 6.47 -22.41 -19.84
C ILE A 260 6.45 -23.78 -19.15
N ALA A 261 6.30 -24.84 -19.94
CA ALA A 261 6.35 -26.20 -19.40
C ALA A 261 7.74 -26.52 -18.82
N LYS A 262 8.80 -26.28 -19.60
CA LYS A 262 10.19 -26.52 -19.13
C LYS A 262 10.67 -25.50 -18.09
N GLY A 263 10.24 -24.25 -18.21
CA GLY A 263 10.76 -23.17 -17.38
C GLY A 263 12.07 -22.61 -17.94
N THR A 264 12.15 -22.51 -19.27
CA THR A 264 13.32 -21.92 -19.90
C THR A 264 12.94 -20.69 -20.69
N LEU A 265 13.93 -19.79 -20.81
CA LEU A 265 13.80 -18.58 -21.60
C LEU A 265 14.97 -18.56 -22.62
N ASN A 266 14.65 -18.71 -23.91
CA ASN A 266 15.67 -18.95 -24.94
C ASN A 266 16.68 -20.03 -24.52
N GLY A 267 16.15 -21.13 -23.98
CA GLY A 267 16.96 -22.27 -23.58
C GLY A 267 17.65 -22.16 -22.23
N VAL A 268 17.50 -21.01 -21.55
CA VAL A 268 18.16 -20.81 -20.26
C VAL A 268 17.12 -21.06 -19.16
N PRO A 269 17.43 -21.93 -18.19
CA PRO A 269 16.45 -22.08 -17.10
C PRO A 269 16.35 -20.79 -16.29
N ALA A 270 15.11 -20.42 -15.97
CA ALA A 270 14.84 -19.19 -15.25
C ALA A 270 13.63 -19.40 -14.35
N VAL A 271 13.62 -18.77 -13.19
CA VAL A 271 12.55 -18.89 -12.23
C VAL A 271 12.34 -17.60 -11.45
N MSE A 272 11.09 -17.23 -11.27
CA MSE A 272 10.72 -16.14 -10.38
C MSE A 272 9.62 -16.65 -9.41
O MSE A 272 8.48 -16.87 -9.83
CB MSE A 272 10.25 -14.92 -11.17
CG MSE A 272 9.66 -13.80 -10.27
SE MSE A 272 9.13 -12.15 -11.20
CE MSE A 272 8.05 -12.92 -12.62
N PRO A 273 9.96 -16.85 -8.13
CA PRO A 273 9.04 -17.41 -7.17
C PRO A 273 8.20 -16.37 -6.41
N GLY A 274 7.40 -15.62 -7.16
CA GLY A 274 6.38 -14.73 -6.58
C GLY A 274 6.85 -13.69 -5.58
N MSE A 275 6.23 -13.67 -4.40
CA MSE A 275 6.50 -12.64 -3.40
C MSE A 275 6.28 -13.18 -1.97
O MSE A 275 5.47 -14.10 -1.75
CB MSE A 275 5.60 -11.43 -3.62
CG MSE A 275 4.13 -11.73 -3.39
SE MSE A 275 2.95 -10.34 -4.07
CE MSE A 275 3.27 -9.01 -2.72
N TRP A 276 7.00 -12.59 -1.01
CA TRP A 276 6.80 -12.85 0.42
C TRP A 276 7.00 -14.30 0.84
N GLY A 277 7.71 -15.08 0.04
CA GLY A 277 7.97 -16.46 0.40
C GLY A 277 6.85 -17.39 -0.01
N ASP A 278 5.93 -16.92 -0.85
CA ASP A 278 4.79 -17.75 -1.27
C ASP A 278 5.16 -18.83 -2.30
N HIS A 279 6.41 -18.82 -2.78
CA HIS A 279 6.97 -19.90 -3.63
C HIS A 279 8.45 -20.06 -3.35
N LEU A 280 8.97 -21.24 -3.67
CA LEU A 280 10.42 -21.43 -3.73
C LEU A 280 10.80 -21.65 -5.19
N GLY A 281 11.87 -21.01 -5.64
CA GLY A 281 12.35 -21.20 -7.00
C GLY A 281 13.28 -22.40 -7.04
N VAL A 282 13.07 -23.27 -8.03
CA VAL A 282 13.83 -24.50 -8.17
C VAL A 282 14.28 -24.72 -9.62
N VAL A 283 15.59 -24.57 -9.83
CA VAL A 283 16.21 -24.83 -11.12
C VAL A 283 17.02 -26.12 -11.02
N ASP A 284 16.81 -27.02 -11.97
CA ASP A 284 17.61 -28.25 -12.00
C ASP A 284 18.42 -28.33 -13.27
N LEU A 285 19.73 -28.44 -13.11
CA LEU A 285 20.68 -28.56 -14.22
C LEU A 285 21.31 -29.93 -14.24
N VAL A 286 21.58 -30.43 -15.45
CA VAL A 286 22.41 -31.61 -15.64
C VAL A 286 23.71 -31.18 -16.30
N LEU A 287 24.83 -31.46 -15.62
CA LEU A 287 26.16 -31.11 -16.12
C LEU A 287 26.96 -32.33 -16.50
N ASN A 288 27.71 -32.19 -17.59
CA ASN A 288 28.61 -33.23 -18.06
C ASN A 288 29.97 -32.64 -18.49
N ASN A 289 31.07 -33.29 -18.10
CA ASN A 289 32.43 -32.80 -18.40
C ASN A 289 33.18 -33.59 -19.46
N ASP A 290 32.48 -34.28 -20.34
CA ASP A 290 33.20 -35.20 -21.22
C ASP A 290 33.90 -34.50 -22.40
N SER A 291 33.82 -33.17 -22.43
CA SER A 291 34.59 -32.38 -23.40
C SER A 291 35.79 -31.72 -22.75
N GLY A 292 35.98 -31.96 -21.45
CA GLY A 292 37.08 -31.36 -20.69
C GLY A 292 36.61 -30.18 -19.85
N LYS A 293 35.55 -29.53 -20.33
CA LYS A 293 34.85 -28.47 -19.61
C LYS A 293 33.48 -28.99 -19.14
N TRP A 294 33.01 -28.49 -17.98
CA TRP A 294 31.61 -28.68 -17.57
C TRP A 294 30.63 -27.97 -18.53
N GLN A 295 29.63 -28.70 -19.00
CA GLN A 295 28.63 -28.17 -19.92
C GLN A 295 27.26 -28.56 -19.42
N VAL A 296 26.27 -27.69 -19.61
CA VAL A 296 24.91 -28.00 -19.20
C VAL A 296 24.28 -28.76 -20.33
N THR A 297 23.75 -29.95 -20.03
CA THR A 297 23.12 -30.77 -21.08
C THR A 297 21.60 -30.79 -20.99
N GLN A 298 21.06 -30.62 -19.77
CA GLN A 298 19.62 -30.53 -19.59
C GLN A 298 19.38 -29.48 -18.54
N SER A 299 18.22 -28.85 -18.61
CA SER A 299 17.78 -27.93 -17.55
C SER A 299 16.25 -27.78 -17.50
N LYS A 300 15.77 -27.43 -16.31
CA LYS A 300 14.38 -27.11 -16.13
C LYS A 300 14.26 -26.23 -14.88
N ALA A 301 13.09 -25.61 -14.73
CA ALA A 301 12.84 -24.73 -13.60
C ALA A 301 11.37 -24.75 -13.28
N GLU A 302 11.05 -24.64 -11.99
CA GLU A 302 9.67 -24.40 -11.56
C GLU A 302 9.62 -23.53 -10.32
N ALA A 303 8.50 -22.85 -10.13
CA ALA A 303 8.23 -22.14 -8.89
C ALA A 303 7.23 -22.97 -8.06
N ARG A 304 7.68 -23.40 -6.89
CA ARG A 304 6.93 -24.27 -6.01
C ARG A 304 6.12 -23.49 -4.97
N PRO A 305 4.76 -23.53 -5.07
CA PRO A 305 3.93 -22.74 -4.14
C PRO A 305 3.88 -23.36 -2.74
N ILE A 306 3.78 -22.53 -1.70
CA ILE A 306 3.60 -23.01 -0.34
C ILE A 306 2.13 -23.34 -0.06
N TYR A 307 1.26 -22.98 -0.99
CA TYR A 307 -0.16 -23.08 -0.80
C TYR A 307 -0.88 -23.43 -2.09
N ASP A 308 -1.78 -24.40 -1.99
CA ASP A 308 -2.57 -24.85 -3.12
C ASP A 308 -3.83 -24.00 -3.17
N ALA A 309 -3.91 -23.13 -4.18
CA ALA A 309 -5.00 -22.16 -4.27
C ALA A 309 -6.35 -22.80 -4.61
N VAL A 310 -6.34 -23.77 -5.54
CA VAL A 310 -7.58 -24.47 -5.92
C VAL A 310 -8.06 -25.38 -4.80
N ALA A 311 -7.18 -26.22 -4.28
CA ALA A 311 -7.54 -27.22 -3.28
C ALA A 311 -7.66 -26.65 -1.87
N LYS A 312 -7.45 -25.34 -1.73
CA LYS A 312 -7.41 -24.65 -0.42
C LYS A 312 -6.61 -25.38 0.68
N LYS A 313 -5.40 -25.88 0.37
CA LYS A 313 -4.57 -26.51 1.41
C LYS A 313 -3.09 -26.10 1.40
N SER A 314 -2.49 -26.12 2.58
CA SER A 314 -1.07 -25.83 2.73
C SER A 314 -0.22 -26.95 2.09
N LEU A 315 0.94 -26.57 1.55
CA LEU A 315 1.87 -27.51 0.95
C LEU A 315 3.21 -27.43 1.64
N ALA A 316 3.25 -26.69 2.75
CA ALA A 316 4.49 -26.35 3.43
C ALA A 316 4.20 -25.98 4.88
N ALA A 317 4.66 -26.82 5.79
CA ALA A 317 4.39 -26.63 7.21
C ALA A 317 5.14 -25.42 7.72
N GLU A 318 4.67 -24.88 8.83
CA GLU A 318 5.36 -23.85 9.56
C GLU A 318 6.57 -24.47 10.26
N ASP A 319 7.77 -24.02 9.91
CA ASP A 319 9.01 -24.53 10.53
C ASP A 319 9.15 -24.16 12.01
N GLY A 320 9.04 -25.16 12.87
CA GLY A 320 9.08 -24.98 14.32
C GLY A 320 10.27 -24.19 14.85
N LYS A 321 11.48 -24.55 14.41
CA LYS A 321 12.73 -23.94 14.93
C LYS A 321 12.89 -22.47 14.54
N LEU A 322 12.47 -22.12 13.32
CA LEU A 322 12.50 -20.73 12.88
C LEU A 322 11.52 -19.87 13.69
N VAL A 323 10.33 -20.40 13.92
CA VAL A 323 9.35 -19.69 14.74
C VAL A 323 10.03 -19.38 16.07
N SER A 324 10.73 -20.38 16.58
CA SER A 324 11.41 -20.25 17.85
C SER A 324 12.48 -19.15 17.82
N VAL A 325 13.30 -19.14 16.77
CA VAL A 325 14.34 -18.11 16.59
C VAL A 325 13.76 -16.68 16.51
N LEU A 326 12.59 -16.57 15.86
CA LEU A 326 11.94 -15.28 15.61
C LEU A 326 11.01 -14.79 16.73
N LYS A 327 10.75 -15.65 17.71
CA LYS A 327 9.74 -15.40 18.78
C LYS A 327 9.82 -14.01 19.41
N ALA A 328 11.01 -13.61 19.85
CA ALA A 328 11.19 -12.29 20.46
C ALA A 328 10.79 -11.15 19.51
N ASP A 329 11.25 -11.26 18.25
CA ASP A 329 11.04 -10.22 17.27
C ASP A 329 9.59 -10.21 16.78
N HIS A 330 8.96 -11.37 16.73
CA HIS A 330 7.54 -11.46 16.45
C HIS A 330 6.68 -10.70 17.49
N ASP A 331 7.00 -10.90 18.78
CA ASP A 331 6.27 -10.25 19.86
C ASP A 331 6.48 -8.73 19.79
N ALA A 332 7.74 -8.33 19.63
CA ALA A 332 8.08 -6.92 19.43
C ALA A 332 7.35 -6.31 18.22
N THR A 333 7.15 -7.09 17.16
CA THR A 333 6.47 -6.63 15.96
C THR A 333 4.98 -6.41 16.27
N ARG A 334 4.36 -7.37 16.96
CA ARG A 334 2.98 -7.19 17.46
C ARG A 334 2.85 -5.93 18.33
N GLU A 335 3.81 -5.74 19.22
N GLU A 335 3.81 -5.69 19.21
CA GLU A 335 3.93 -4.53 20.05
CA GLU A 335 3.76 -4.50 20.07
C GLU A 335 3.86 -3.30 19.16
C GLU A 335 3.99 -3.20 19.29
N PHE A 336 4.80 -3.25 18.22
CA PHE A 336 5.06 -2.08 17.37
C PHE A 336 3.83 -1.65 16.58
N VAL A 337 3.07 -2.62 16.10
CA VAL A 337 1.91 -2.37 15.25
C VAL A 337 0.74 -1.78 16.04
N SER A 338 0.67 -2.09 17.33
CA SER A 338 -0.44 -1.64 18.17
C SER A 338 -0.26 -0.20 18.62
N LYS A 339 1.01 0.14 18.92
CA LYS A 339 1.42 1.39 19.61
C LYS A 339 0.80 2.68 19.06
N ALA B 4 6.54 9.80 -15.78
CA ALA B 4 6.65 11.29 -15.99
C ALA B 4 5.27 12.02 -15.97
N ALA B 5 4.31 11.52 -15.21
CA ALA B 5 2.95 12.08 -15.26
C ALA B 5 2.54 13.06 -14.14
N THR B 6 1.68 14.01 -14.52
CA THR B 6 1.04 14.96 -13.61
C THR B 6 -0.48 14.75 -13.61
N VAL B 7 -1.05 14.58 -12.43
CA VAL B 7 -2.48 14.34 -12.26
C VAL B 7 -3.09 15.40 -11.35
N ASP B 8 -4.13 16.08 -11.86
CA ASP B 8 -5.00 16.89 -11.01
C ASP B 8 -6.07 16.00 -10.39
N LEU B 9 -6.27 16.17 -9.08
CA LEU B 9 -7.33 15.46 -8.36
C LEU B 9 -8.12 16.43 -7.51
N ARG B 10 -9.44 16.43 -7.68
CA ARG B 10 -10.33 17.26 -6.88
C ARG B 10 -11.08 16.42 -5.86
N ILE B 11 -11.05 16.85 -4.60
CA ILE B 11 -11.83 16.19 -3.56
C ILE B 11 -12.92 17.12 -3.06
N MSE B 12 -14.16 16.68 -3.20
CA MSE B 12 -15.34 17.47 -2.78
C MSE B 12 -16.00 16.90 -1.51
O MSE B 12 -16.07 15.67 -1.32
CB MSE B 12 -16.36 17.55 -3.91
CG MSE B 12 -15.85 18.24 -5.14
SE MSE B 12 -16.91 17.88 -6.75
CE MSE B 12 -16.91 15.92 -6.74
N GLU B 13 -16.51 17.79 -0.66
CA GLU B 13 -17.04 17.35 0.62
C GLU B 13 -18.35 18.04 0.98
N THR B 14 -19.37 17.25 1.30
CA THR B 14 -20.50 17.74 2.08
C THR B 14 -20.30 17.39 3.56
N THR B 15 -20.75 18.26 4.44
CA THR B 15 -20.68 17.99 5.86
C THR B 15 -21.91 18.52 6.58
N ASP B 16 -22.23 17.90 7.72
CA ASP B 16 -23.24 18.41 8.64
C ASP B 16 -24.57 18.77 7.95
N LEU B 17 -24.97 17.94 6.99
CA LEU B 17 -26.17 18.19 6.20
C LEU B 17 -27.41 18.18 7.10
N HIS B 18 -27.34 17.40 8.18
CA HIS B 18 -28.36 17.33 9.20
C HIS B 18 -29.79 17.11 8.64
N SER B 19 -29.90 16.22 7.65
CA SER B 19 -31.18 15.84 7.03
C SER B 19 -31.78 16.88 6.10
N ASN B 20 -31.12 18.02 5.94
CA ASN B 20 -31.67 19.08 5.09
C ASN B 20 -31.47 18.76 3.63
N MSE B 21 -32.26 17.80 3.14
CA MSE B 21 -32.19 17.44 1.73
C MSE B 21 -32.87 18.51 0.87
O MSE B 21 -32.31 18.93 -0.15
CB MSE B 21 -32.86 16.07 1.49
CG MSE B 21 -32.22 14.90 2.18
SE MSE B 21 -30.34 14.62 1.71
CE MSE B 21 -29.61 15.41 3.33
N MSE B 22 -34.07 18.93 1.27
CA MSE B 22 -34.82 19.97 0.56
C MSE B 22 -34.30 21.35 0.98
O MSE B 22 -33.96 21.56 2.14
CB MSE B 22 -36.33 19.85 0.83
CG MSE B 22 -37.05 18.78 0.04
SE MSE B 22 -36.93 19.05 -1.90
CE MSE B 22 -38.15 20.59 -2.05
N ASP B 23 -34.25 22.26 0.01
CA ASP B 23 -34.04 23.69 0.28
C ASP B 23 -35.37 24.29 0.73
N PHE B 24 -35.73 24.02 1.98
CA PHE B 24 -37.09 24.25 2.44
C PHE B 24 -37.11 24.26 3.95
N ASP B 25 -37.54 25.39 4.51
CA ASP B 25 -37.83 25.47 5.92
C ASP B 25 -39.23 24.86 6.18
N TYR B 26 -39.32 23.90 7.10
CA TYR B 26 -40.60 23.28 7.41
C TYR B 26 -41.30 23.94 8.60
N TYR B 27 -40.58 24.74 9.39
CA TYR B 27 -41.21 25.47 10.49
C TYR B 27 -41.88 26.76 10.00
N LYS B 28 -41.53 27.18 8.79
CA LYS B 28 -42.08 28.36 8.16
C LYS B 28 -42.81 27.93 6.90
N ASP B 29 -42.92 26.62 6.73
CA ASP B 29 -43.49 26.00 5.53
C ASP B 29 -43.21 26.80 4.24
N ALA B 30 -41.94 27.19 4.05
CA ALA B 30 -41.49 28.00 2.91
C ALA B 30 -40.12 27.58 2.38
N ALA B 31 -39.93 27.73 1.07
CA ALA B 31 -38.63 27.52 0.43
C ALA B 31 -37.55 28.42 1.05
N THR B 32 -36.30 28.10 0.71
CA THR B 32 -35.15 28.91 1.07
C THR B 32 -34.04 28.74 0.05
N GLU B 33 -33.12 29.70 0.03
CA GLU B 33 -31.97 29.63 -0.85
C GLU B 33 -30.68 29.39 -0.04
N LYS B 34 -30.83 29.35 1.29
CA LYS B 34 -29.71 29.42 2.24
C LYS B 34 -29.13 28.06 2.65
N PHE B 35 -29.84 26.97 2.38
CA PHE B 35 -29.38 25.61 2.72
C PHE B 35 -30.09 24.54 1.91
N GLY B 36 -29.60 23.30 2.00
CA GLY B 36 -30.24 22.14 1.40
C GLY B 36 -29.41 21.46 0.33
N LEU B 37 -29.26 20.14 0.48
CA LEU B 37 -28.50 19.34 -0.47
C LEU B 37 -29.00 19.56 -1.90
N VAL B 38 -30.29 19.85 -2.00
CA VAL B 38 -30.95 20.11 -3.28
C VAL B 38 -30.25 21.24 -4.03
N ARG B 39 -29.77 22.25 -3.31
CA ARG B 39 -28.95 23.31 -3.91
C ARG B 39 -27.43 22.99 -3.95
N THR B 40 -26.91 22.37 -2.88
CA THR B 40 -25.49 21.99 -2.82
C THR B 40 -25.12 21.12 -4.02
N ALA B 41 -26.07 20.32 -4.47
CA ALA B 41 -25.86 19.46 -5.63
C ALA B 41 -25.48 20.22 -6.89
N SER B 42 -25.88 21.49 -6.96
CA SER B 42 -25.52 22.30 -8.11
C SER B 42 -24.04 22.68 -8.06
N LEU B 43 -23.53 22.95 -6.86
CA LEU B 43 -22.09 23.21 -6.71
C LEU B 43 -21.31 21.98 -7.14
N ILE B 44 -21.76 20.82 -6.66
CA ILE B 44 -21.17 19.53 -7.02
C ILE B 44 -21.07 19.33 -8.54
N GLU B 45 -22.17 19.63 -9.24
N GLU B 45 -22.13 19.60 -9.30
CA GLU B 45 -22.28 19.52 -10.69
CA GLU B 45 -22.02 19.38 -10.74
C GLU B 45 -21.26 20.42 -11.38
C GLU B 45 -21.17 20.43 -11.44
N GLN B 46 -21.25 21.68 -10.97
CA GLN B 46 -20.39 22.73 -11.48
C GLN B 46 -18.92 22.37 -11.17
N ALA B 47 -18.66 21.95 -9.92
CA ALA B 47 -17.31 21.56 -9.51
C ALA B 47 -16.81 20.36 -10.29
N ARG B 48 -17.69 19.40 -10.57
CA ARG B 48 -17.33 18.23 -11.39
C ARG B 48 -17.02 18.55 -12.87
N ALA B 49 -17.75 19.52 -13.42
CA ALA B 49 -17.61 19.89 -14.85
C ALA B 49 -16.35 20.71 -15.10
N GLU B 50 -15.83 21.36 -14.06
CA GLU B 50 -14.62 22.18 -14.20
C GLU B 50 -13.34 21.35 -14.40
N VAL B 51 -13.39 20.07 -14.06
CA VAL B 51 -12.16 19.26 -13.99
C VAL B 51 -12.41 17.87 -14.54
N LYS B 52 -11.33 17.12 -14.75
CA LYS B 52 -11.46 15.76 -15.26
C LYS B 52 -11.55 14.68 -14.17
N ASN B 53 -10.76 14.80 -13.11
CA ASN B 53 -10.75 13.80 -12.04
C ASN B 53 -11.25 14.36 -10.72
N SER B 54 -12.37 13.83 -10.24
CA SER B 54 -12.85 14.23 -8.92
C SER B 54 -13.52 13.08 -8.14
N VAL B 55 -13.61 13.24 -6.82
CA VAL B 55 -14.29 12.32 -5.94
C VAL B 55 -15.05 13.14 -4.90
N LEU B 56 -16.10 12.55 -4.33
CA LEU B 56 -17.00 13.25 -3.42
C LEU B 56 -17.15 12.46 -2.12
N VAL B 57 -17.09 13.15 -0.98
CA VAL B 57 -17.24 12.52 0.33
C VAL B 57 -18.28 13.19 1.20
N ASP B 58 -18.86 12.44 2.14
CA ASP B 58 -19.67 13.07 3.18
C ASP B 58 -19.09 12.84 4.54
N ASN B 59 -19.11 13.88 5.36
CA ASN B 59 -18.45 13.89 6.64
C ASN B 59 -19.36 13.57 7.83
N GLY B 60 -20.63 13.25 7.57
CA GLY B 60 -21.54 12.88 8.66
C GLY B 60 -22.42 13.97 9.25
N ASP B 61 -23.04 13.65 10.38
CA ASP B 61 -24.21 14.37 10.92
C ASP B 61 -25.21 14.61 9.81
N VAL B 62 -25.73 13.51 9.30
CA VAL B 62 -26.54 13.53 8.10
C VAL B 62 -27.98 12.98 8.32
N ILE B 63 -28.15 11.98 9.18
CA ILE B 63 -29.49 11.37 9.39
C ILE B 63 -30.34 12.04 10.49
N GLN B 64 -29.85 13.13 11.07
CA GLN B 64 -30.46 13.74 12.24
C GLN B 64 -30.35 15.26 12.10
N GLY B 65 -31.37 15.98 12.58
CA GLY B 65 -31.26 17.43 12.79
C GLY B 65 -32.18 18.36 12.02
N SER B 66 -33.09 17.80 11.24
CA SER B 66 -34.10 18.58 10.57
C SER B 66 -35.44 17.82 10.56
N PRO B 67 -36.55 18.54 10.33
CA PRO B 67 -37.85 17.87 10.21
C PRO B 67 -37.77 16.51 9.48
N LEU B 68 -37.12 16.45 8.31
CA LEU B 68 -37.01 15.17 7.56
C LEU B 68 -36.45 14.02 8.40
N GLY B 69 -35.46 14.33 9.23
CA GLY B 69 -34.87 13.37 10.13
C GLY B 69 -35.75 13.07 11.32
N ASP B 70 -36.54 14.06 11.73
CA ASP B 70 -37.54 13.89 12.79
C ASP B 70 -38.66 12.94 12.37
N TYR B 71 -39.27 13.22 11.23
CA TYR B 71 -40.28 12.37 10.64
C TYR B 71 -39.78 10.94 10.47
N MSE B 72 -38.53 10.80 10.03
CA MSE B 72 -38.02 9.47 9.75
C MSE B 72 -37.63 8.72 11.02
O MSE B 72 -37.73 7.48 11.04
CB MSE B 72 -36.88 9.54 8.75
CG MSE B 72 -36.87 8.33 7.86
SE MSE B 72 -38.36 8.40 6.63
CE MSE B 72 -38.13 6.63 5.83
N ALA B 73 -37.23 9.42 12.07
CA ALA B 73 -37.00 8.79 13.37
C ALA B 73 -38.31 8.26 13.94
N ALA B 74 -39.40 9.01 13.71
CA ALA B 74 -40.75 8.61 14.13
C ALA B 74 -41.27 7.42 13.34
N LYS B 75 -41.28 7.50 12.02
CA LYS B 75 -41.73 6.40 11.16
C LYS B 75 -40.91 5.13 11.38
N GLY B 76 -39.64 5.30 11.80
CA GLY B 76 -38.70 4.19 11.98
C GLY B 76 -38.27 3.59 10.66
N LEU B 77 -37.43 2.56 10.76
CA LEU B 77 -36.95 1.84 9.58
C LEU B 77 -37.05 0.34 9.77
N LYS B 78 -37.51 -0.34 8.73
CA LYS B 78 -37.57 -1.80 8.70
C LYS B 78 -36.53 -2.24 7.69
N GLU B 79 -36.16 -3.51 7.72
CA GLU B 79 -35.18 -4.04 6.78
C GLU B 79 -35.54 -3.71 5.32
N GLY B 80 -34.54 -3.22 4.57
CA GLY B 80 -34.71 -2.94 3.15
C GLY B 80 -35.18 -1.54 2.81
N ASP B 81 -35.51 -0.76 3.84
CA ASP B 81 -35.92 0.65 3.65
C ASP B 81 -34.72 1.55 3.37
N VAL B 82 -34.85 2.41 2.36
CA VAL B 82 -33.83 3.39 2.05
C VAL B 82 -34.27 4.71 2.66
N HIS B 83 -33.55 5.17 3.68
CA HIS B 83 -33.76 6.49 4.29
C HIS B 83 -33.72 7.56 3.19
N PRO B 84 -34.60 8.58 3.27
CA PRO B 84 -34.61 9.58 2.19
C PRO B 84 -33.25 10.25 1.91
N VAL B 85 -32.45 10.54 2.94
CA VAL B 85 -31.12 11.14 2.72
C VAL B 85 -30.28 10.29 1.75
N TYR B 86 -30.45 8.97 1.81
CA TYR B 86 -29.74 8.09 0.88
C TYR B 86 -30.43 7.94 -0.47
N LYS B 87 -31.74 8.18 -0.50
CA LYS B 87 -32.46 8.29 -1.76
C LYS B 87 -31.85 9.42 -2.59
N ALA B 88 -31.60 10.56 -1.94
CA ALA B 88 -30.92 11.67 -2.59
C ALA B 88 -29.44 11.36 -2.83
N MSE B 89 -28.73 11.01 -1.76
CA MSE B 89 -27.29 10.80 -1.84
C MSE B 89 -26.85 9.67 -2.79
O MSE B 89 -25.79 9.78 -3.41
CB MSE B 89 -26.67 10.64 -0.44
CG MSE B 89 -26.76 11.94 0.37
SE MSE B 89 -26.35 11.75 2.25
CE MSE B 89 -24.40 11.70 2.08
N ASN B 90 -27.67 8.62 -2.93
CA ASN B 90 -27.34 7.53 -3.87
C ASN B 90 -27.30 7.96 -5.35
N THR B 91 -27.85 9.13 -5.67
CA THR B 91 -27.79 9.65 -7.06
C THR B 91 -26.55 10.50 -7.34
N LEU B 92 -25.79 10.82 -6.29
CA LEU B 92 -24.70 11.80 -6.39
C LEU B 92 -23.29 11.23 -6.58
N ASN B 93 -23.17 9.90 -6.60
CA ASN B 93 -21.87 9.22 -6.71
C ASN B 93 -20.85 9.63 -5.62
N TYR B 94 -21.22 9.43 -4.36
CA TYR B 94 -20.28 9.54 -3.24
C TYR B 94 -19.29 8.38 -3.28
N ALA B 95 -18.01 8.67 -3.07
CA ALA B 95 -17.01 7.61 -2.91
C ALA B 95 -17.13 6.96 -1.54
N VAL B 96 -17.45 7.74 -0.52
CA VAL B 96 -17.45 7.26 0.84
C VAL B 96 -18.26 8.21 1.72
N GLY B 97 -18.80 7.64 2.80
CA GLY B 97 -19.41 8.41 3.88
C GLY B 97 -18.69 8.18 5.21
N ASN B 98 -18.72 9.19 6.07
CA ASN B 98 -18.11 9.15 7.40
C ASN B 98 -19.20 9.33 8.45
N LEU B 99 -19.00 8.79 9.65
CA LEU B 99 -20.03 8.91 10.70
C LEU B 99 -19.82 10.17 11.53
N GLY B 100 -20.88 10.94 11.71
CA GLY B 100 -20.86 12.05 12.67
C GLY B 100 -21.39 11.64 14.04
N ASN B 101 -21.22 12.51 15.03
CA ASN B 101 -21.73 12.25 16.39
C ASN B 101 -23.24 12.01 16.45
N HIS B 102 -23.99 12.77 15.66
CA HIS B 102 -25.45 12.66 15.67
C HIS B 102 -25.99 11.42 14.99
N GLU B 103 -25.13 10.65 14.32
CA GLU B 103 -25.55 9.37 13.76
C GLU B 103 -25.93 8.34 14.83
N PHE B 104 -25.64 8.66 16.08
CA PHE B 104 -25.83 7.71 17.17
C PHE B 104 -27.02 8.06 18.05
N ASN B 105 -27.67 9.18 17.73
CA ASN B 105 -28.80 9.70 18.51
C ASN B 105 -30.01 8.76 18.61
N TYR B 106 -30.24 7.96 17.59
CA TYR B 106 -31.41 7.11 17.58
C TYR B 106 -31.10 5.64 17.87
N GLY B 107 -29.93 5.38 18.45
CA GLY B 107 -29.46 4.01 18.73
C GLY B 107 -28.74 3.33 17.57
N LEU B 108 -27.98 2.28 17.89
CA LEU B 108 -27.18 1.57 16.88
C LEU B 108 -28.02 0.84 15.83
N ASP B 109 -29.09 0.18 16.27
N ASP B 109 -29.10 0.21 16.27
CA ASP B 109 -29.97 -0.56 15.38
CA ASP B 109 -29.92 -0.57 15.36
C ASP B 109 -30.46 0.34 14.26
C ASP B 109 -30.52 0.31 14.26
N PHE B 110 -30.97 1.51 14.63
CA PHE B 110 -31.48 2.49 13.67
C PHE B 110 -30.39 2.88 12.66
N LEU B 111 -29.18 3.14 13.19
CA LEU B 111 -28.04 3.55 12.39
C LEU B 111 -27.65 2.49 11.37
N HIS B 112 -27.51 1.25 11.83
CA HIS B 112 -27.12 0.17 10.92
C HIS B 112 -28.11 0.03 9.79
N LYS B 113 -29.39 0.14 10.13
CA LYS B 113 -30.47 0.06 9.15
C LYS B 113 -30.40 1.22 8.17
N ALA B 114 -30.11 2.43 8.69
CA ALA B 114 -29.89 3.61 7.85
C ALA B 114 -28.73 3.40 6.90
N LEU B 115 -27.59 2.96 7.43
CA LEU B 115 -26.40 2.80 6.61
C LEU B 115 -26.60 1.74 5.55
N ALA B 116 -27.43 0.74 5.87
CA ALA B 116 -27.72 -0.38 4.95
C ALA B 116 -28.31 0.12 3.64
N GLY B 117 -29.02 1.24 3.70
CA GLY B 117 -29.63 1.86 2.51
C GLY B 117 -28.69 2.61 1.59
N ALA B 118 -27.57 3.11 2.13
CA ALA B 118 -26.57 3.83 1.32
C ALA B 118 -25.91 2.88 0.33
N LYS B 119 -25.82 3.32 -0.92
CA LYS B 119 -25.16 2.54 -1.97
C LYS B 119 -23.71 2.96 -2.17
N PHE B 120 -23.11 3.49 -1.11
CA PHE B 120 -21.70 3.79 -1.08
C PHE B 120 -21.17 3.37 0.29
N PRO B 121 -19.86 3.07 0.37
CA PRO B 121 -19.37 2.51 1.63
C PRO B 121 -19.16 3.55 2.72
N TYR B 122 -19.21 3.09 3.98
CA TYR B 122 -19.00 3.93 5.14
C TYR B 122 -17.72 3.57 5.86
N VAL B 123 -17.09 4.56 6.47
CA VAL B 123 -15.88 4.32 7.25
C VAL B 123 -15.97 4.97 8.62
N ASN B 124 -15.32 4.36 9.59
CA ASN B 124 -14.96 5.00 10.86
C ASN B 124 -13.93 4.10 11.48
N ALA B 125 -12.80 4.69 11.85
CA ALA B 125 -11.66 3.93 12.37
C ALA B 125 -11.54 3.91 13.90
N ASN B 126 -12.18 4.85 14.62
CA ASN B 126 -11.93 4.93 16.09
C ASN B 126 -12.99 4.35 17.04
N ILE B 127 -14.14 3.93 16.49
CA ILE B 127 -15.14 3.23 17.30
C ILE B 127 -14.84 1.73 17.41
N ILE B 128 -14.63 1.27 18.65
CA ILE B 128 -14.33 -0.12 18.91
C ILE B 128 -15.58 -0.87 19.40
N ASP B 129 -15.94 -1.96 18.72
CA ASP B 129 -16.97 -2.89 19.21
C ASP B 129 -16.48 -3.55 20.51
N ALA B 130 -17.17 -3.28 21.62
CA ALA B 130 -16.75 -3.80 22.93
C ALA B 130 -16.79 -5.33 23.02
N LYS B 131 -17.52 -5.98 22.12
CA LYS B 131 -17.61 -7.43 22.05
C LYS B 131 -16.42 -8.03 21.32
N THR B 132 -15.89 -7.35 20.29
CA THR B 132 -14.77 -7.88 19.50
C THR B 132 -13.41 -7.25 19.81
N GLY B 133 -13.40 -6.08 20.44
CA GLY B 133 -12.15 -5.32 20.62
C GLY B 133 -11.57 -4.80 19.31
N LYS B 134 -12.37 -4.86 18.25
CA LYS B 134 -11.97 -4.43 16.93
C LYS B 134 -12.96 -3.35 16.44
N PRO B 135 -12.57 -2.55 15.42
CA PRO B 135 -13.48 -1.55 14.89
C PRO B 135 -14.86 -2.10 14.51
N MSE B 136 -15.91 -1.40 14.91
CA MSE B 136 -17.28 -1.82 14.54
C MSE B 136 -17.55 -1.59 13.06
O MSE B 136 -18.33 -2.32 12.44
CB MSE B 136 -18.31 -1.09 15.41
CG MSE B 136 -19.74 -1.25 14.93
SE MSE B 136 -20.99 -0.54 16.23
CE MSE B 136 -20.90 -2.02 17.53
N PHE B 137 -16.93 -0.56 12.49
CA PHE B 137 -17.12 -0.24 11.09
C PHE B 137 -15.84 -0.50 10.31
N THR B 138 -15.91 -0.46 8.99
CA THR B 138 -14.70 -0.51 8.17
C THR B 138 -13.81 0.69 8.56
N PRO B 139 -12.58 0.43 9.03
CA PRO B 139 -11.87 1.63 9.52
C PRO B 139 -11.44 2.56 8.37
N TYR B 140 -11.13 2.00 7.21
CA TYR B 140 -10.66 2.77 6.04
C TYR B 140 -10.98 2.03 4.74
N LEU B 141 -10.99 2.76 3.63
CA LEU B 141 -11.18 2.16 2.33
C LEU B 141 -10.05 2.63 1.44
N ILE B 142 -9.49 1.71 0.65
CA ILE B 142 -8.55 2.07 -0.40
C ILE B 142 -9.22 1.78 -1.73
N GLN B 143 -9.58 2.85 -2.43
CA GLN B 143 -10.46 2.73 -3.59
C GLN B 143 -9.71 2.99 -4.90
N ASP B 144 -9.63 1.97 -5.73
CA ASP B 144 -9.04 2.10 -7.07
C ASP B 144 -9.82 3.09 -7.90
N THR B 145 -9.17 4.18 -8.27
CA THR B 145 -9.86 5.25 -8.95
C THR B 145 -9.12 5.58 -10.24
N ARG B 146 -9.82 5.50 -11.37
CA ARG B 146 -9.20 5.78 -12.65
C ARG B 146 -9.14 7.28 -12.88
N VAL B 147 -7.97 7.76 -13.28
CA VAL B 147 -7.77 9.18 -13.52
C VAL B 147 -7.02 9.39 -14.84
N VAL B 148 -7.21 10.57 -15.41
CA VAL B 148 -6.51 10.96 -16.62
C VAL B 148 -5.44 12.00 -16.24
N ASP B 149 -4.18 11.77 -16.63
CA ASP B 149 -3.14 12.78 -16.40
C ASP B 149 -3.20 13.90 -17.44
N SER B 150 -2.31 14.89 -17.31
CA SER B 150 -2.34 16.09 -18.13
C SER B 150 -1.99 15.80 -19.60
N ASP B 151 -1.36 14.65 -19.87
CA ASP B 151 -1.06 14.19 -21.22
C ASP B 151 -2.17 13.30 -21.80
N GLY B 152 -3.26 13.13 -21.04
CA GLY B 152 -4.36 12.28 -21.47
C GLY B 152 -4.22 10.79 -21.20
N GLN B 153 -3.15 10.36 -20.55
N GLN B 153 -3.13 10.37 -20.57
CA GLN B 153 -2.98 8.94 -20.25
CA GLN B 153 -2.96 8.94 -20.21
C GLN B 153 -3.67 8.54 -18.92
C GLN B 153 -3.77 8.56 -18.95
N ILE B 154 -4.18 7.29 -18.89
CA ILE B 154 -4.95 6.78 -17.75
C ILE B 154 -4.07 6.12 -16.70
N HIS B 155 -4.39 6.37 -15.43
CA HIS B 155 -3.72 5.73 -14.29
C HIS B 155 -4.78 5.29 -13.32
N THR B 156 -4.44 4.26 -12.55
CA THR B 156 -5.29 3.85 -11.46
C THR B 156 -4.68 4.39 -10.17
N LEU B 157 -5.36 5.36 -9.58
CA LEU B 157 -4.91 5.97 -8.34
C LEU B 157 -5.60 5.25 -7.20
N ARG B 158 -4.82 4.81 -6.23
CA ARG B 158 -5.38 4.12 -5.07
C ARG B 158 -5.65 5.12 -3.95
N ILE B 159 -6.93 5.48 -3.78
CA ILE B 159 -7.27 6.56 -2.88
C ILE B 159 -7.76 5.98 -1.56
N GLY B 160 -7.01 6.26 -0.50
CA GLY B 160 -7.40 5.78 0.82
C GLY B 160 -8.24 6.82 1.53
N TYR B 161 -9.36 6.39 2.07
CA TYR B 161 -10.20 7.25 2.91
C TYR B 161 -10.28 6.66 4.31
N ILE B 162 -10.13 7.50 5.32
CA ILE B 162 -10.24 7.07 6.72
C ILE B 162 -11.07 8.09 7.47
N GLY B 163 -12.05 7.61 8.26
CA GLY B 163 -13.00 8.47 8.95
C GLY B 163 -12.82 8.47 10.46
N PHE B 164 -13.14 9.60 11.10
CA PHE B 164 -13.07 9.76 12.54
C PHE B 164 -14.31 10.46 13.06
N VAL B 165 -14.67 10.14 14.29
CA VAL B 165 -15.80 10.70 15.02
C VAL B 165 -15.21 11.14 16.39
N PRO B 166 -15.81 12.15 17.05
CA PRO B 166 -15.24 12.50 18.36
C PRO B 166 -15.57 11.44 19.41
N PRO B 167 -14.62 11.15 20.32
CA PRO B 167 -14.91 10.21 21.41
C PRO B 167 -16.03 10.67 22.35
N GLN B 168 -16.43 11.95 22.24
CA GLN B 168 -17.48 12.51 23.08
C GLN B 168 -18.86 11.90 22.82
N ILE B 169 -18.97 11.04 21.80
CA ILE B 169 -20.22 10.29 21.62
C ILE B 169 -20.49 9.38 22.85
N MSE B 170 -19.44 9.01 23.57
CA MSE B 170 -19.59 8.18 24.75
C MSE B 170 -20.39 8.93 25.82
O MSE B 170 -21.05 8.32 26.63
CB MSE B 170 -18.23 7.72 25.30
CG MSE B 170 -17.44 6.73 24.41
SE MSE B 170 -18.56 5.33 23.65
CE MSE B 170 -19.01 4.50 25.38
N THR B 171 -20.30 10.27 25.80
CA THR B 171 -21.06 11.11 26.72
C THR B 171 -22.38 11.58 26.11
N TRP B 172 -22.33 12.15 24.90
CA TRP B 172 -23.54 12.64 24.25
C TRP B 172 -24.58 11.52 24.12
N ASP B 173 -24.10 10.29 23.98
CA ASP B 173 -24.98 9.17 23.73
C ASP B 173 -24.64 8.00 24.65
N LYS B 174 -24.25 8.33 25.88
CA LYS B 174 -23.97 7.34 26.93
C LYS B 174 -25.02 6.23 27.01
N ALA B 175 -26.31 6.62 27.09
CA ALA B 175 -27.41 5.65 27.17
C ALA B 175 -27.34 4.64 26.04
N ASN B 176 -27.28 5.14 24.81
CA ASN B 176 -27.24 4.33 23.60
C ASN B 176 -26.01 3.46 23.42
N LEU B 177 -24.89 3.84 24.04
CA LEU B 177 -23.59 3.32 23.65
C LEU B 177 -22.76 2.66 24.74
N ASN B 178 -23.01 3.04 26.00
CA ASN B 178 -22.24 2.50 27.12
C ASN B 178 -22.26 0.97 27.17
N GLY B 179 -21.08 0.39 27.36
CA GLY B 179 -20.94 -1.06 27.34
C GLY B 179 -21.15 -1.74 26.00
N LYS B 180 -21.35 -0.97 24.94
CA LYS B 180 -21.52 -1.54 23.58
C LYS B 180 -20.34 -1.24 22.64
N VAL B 181 -19.79 -0.03 22.78
CA VAL B 181 -18.61 0.41 22.03
C VAL B 181 -17.77 1.30 22.93
N THR B 182 -16.47 1.36 22.66
CA THR B 182 -15.61 2.43 23.16
C THR B 182 -15.03 3.20 21.97
N VAL B 183 -14.37 4.33 22.23
CA VAL B 183 -13.79 5.17 21.17
C VAL B 183 -12.33 5.54 21.44
N ASN B 184 -11.46 5.31 20.48
CA ASN B 184 -10.07 5.72 20.63
C ASN B 184 -9.84 7.19 20.24
N ASP B 185 -8.76 7.76 20.76
CA ASP B 185 -8.31 9.07 20.37
C ASP B 185 -8.12 9.19 18.84
N ILE B 186 -8.68 10.27 18.27
CA ILE B 186 -8.63 10.54 16.85
C ILE B 186 -7.19 10.51 16.30
N THR B 187 -6.28 11.26 16.92
CA THR B 187 -4.91 11.37 16.42
C THR B 187 -4.12 10.06 16.53
N GLU B 188 -4.25 9.39 17.67
N GLU B 188 -4.25 9.34 17.65
CA GLU B 188 -3.65 8.06 17.87
CA GLU B 188 -3.54 8.07 17.79
C GLU B 188 -4.06 7.11 16.75
C GLU B 188 -4.10 6.97 16.86
N THR B 189 -5.36 7.06 16.48
CA THR B 189 -5.94 6.14 15.52
C THR B 189 -5.35 6.40 14.13
N ALA B 190 -5.27 7.68 13.77
CA ALA B 190 -4.63 8.13 12.54
C ALA B 190 -3.17 7.63 12.43
N ARG B 191 -2.39 7.79 13.51
CA ARG B 191 -0.99 7.38 13.55
C ARG B 191 -0.83 5.87 13.44
N LYS B 192 -1.81 5.12 13.90
CA LYS B 192 -1.85 3.68 13.76
C LYS B 192 -2.17 3.25 12.32
N TYR B 193 -3.22 3.82 11.72
CA TYR B 193 -3.74 3.28 10.46
C TYR B 193 -3.06 3.76 9.19
N ILE B 194 -2.65 5.03 9.18
CA ILE B 194 -2.05 5.60 7.99
C ILE B 194 -0.82 4.80 7.50
N PRO B 195 0.14 4.46 8.40
CA PRO B 195 1.20 3.56 7.94
C PRO B 195 0.70 2.24 7.35
N GLU B 196 -0.36 1.67 7.94
CA GLU B 196 -0.95 0.44 7.39
C GLU B 196 -1.53 0.69 5.99
N MSE B 197 -2.27 1.79 5.83
CA MSE B 197 -2.86 2.15 4.54
C MSE B 197 -1.78 2.34 3.46
O MSE B 197 -1.92 1.87 2.32
CB MSE B 197 -3.73 3.40 4.66
CG MSE B 197 -4.94 3.24 5.55
SE MSE B 197 -5.69 5.00 6.02
CE MSE B 197 -6.47 5.46 4.29
N ARG B 198 -0.71 3.04 3.82
CA ARG B 198 0.35 3.30 2.88
C ARG B 198 1.10 2.01 2.49
N ALA B 199 1.26 1.10 3.43
CA ALA B 199 1.90 -0.17 3.17
C ALA B 199 1.04 -1.05 2.28
N LYS B 200 -0.27 -0.91 2.38
CA LYS B 200 -1.16 -1.66 1.49
C LYS B 200 -1.30 -1.03 0.12
N GLY B 201 -0.66 0.12 -0.07
CA GLY B 201 -0.57 0.72 -1.39
C GLY B 201 -1.42 1.94 -1.67
N ALA B 202 -2.07 2.50 -0.64
CA ALA B 202 -2.71 3.81 -0.78
C ALA B 202 -1.73 4.84 -1.39
N ASP B 203 -2.12 5.46 -2.50
CA ASP B 203 -1.33 6.50 -3.14
C ASP B 203 -1.64 7.86 -2.54
N VAL B 204 -2.92 8.09 -2.22
CA VAL B 204 -3.38 9.31 -1.62
C VAL B 204 -4.12 8.95 -0.35
N VAL B 205 -3.86 9.68 0.73
CA VAL B 205 -4.56 9.44 1.98
C VAL B 205 -5.46 10.62 2.34
N VAL B 206 -6.77 10.35 2.33
CA VAL B 206 -7.78 11.37 2.55
C VAL B 206 -8.39 11.15 3.92
N VAL B 207 -8.16 12.10 4.82
CA VAL B 207 -8.80 12.07 6.14
C VAL B 207 -10.18 12.71 6.09
N VAL B 208 -11.20 11.96 6.50
CA VAL B 208 -12.56 12.54 6.61
C VAL B 208 -12.89 12.58 8.09
N ALA B 209 -12.74 13.76 8.70
CA ALA B 209 -12.83 13.86 10.16
C ALA B 209 -14.06 14.65 10.60
N HIS B 210 -14.97 14.00 11.32
CA HIS B 210 -16.05 14.73 11.94
C HIS B 210 -15.52 15.30 13.25
N SER B 211 -14.71 16.35 13.13
CA SER B 211 -14.02 16.92 14.28
C SER B 211 -13.62 18.32 13.85
N GLY B 212 -13.67 19.26 14.79
CA GLY B 212 -13.33 20.66 14.50
C GLY B 212 -11.83 20.96 14.59
N LEU B 213 -11.50 22.23 14.35
CA LEU B 213 -10.13 22.69 14.40
C LEU B 213 -9.96 23.59 15.61
N SER B 214 -9.00 23.24 16.46
CA SER B 214 -8.67 24.02 17.64
C SER B 214 -7.14 24.15 17.75
N ALA B 215 -6.69 25.32 18.25
CA ALA B 215 -5.27 25.63 18.44
C ALA B 215 -4.79 25.20 19.82
N ASP B 216 -5.68 24.60 20.61
CA ASP B 216 -5.30 24.09 21.93
C ASP B 216 -4.16 23.08 21.83
N PRO B 217 -3.34 22.96 22.89
CA PRO B 217 -2.31 21.93 22.86
C PRO B 217 -2.97 20.56 22.87
N TYR B 218 -2.39 19.63 22.10
CA TYR B 218 -2.87 18.25 22.01
C TYR B 218 -3.14 17.62 23.38
N GLN B 219 -4.30 16.99 23.52
CA GLN B 219 -4.61 16.16 24.69
C GLN B 219 -5.35 14.96 24.17
N ALA B 220 -5.13 13.84 24.83
CA ALA B 220 -5.77 12.59 24.42
C ALA B 220 -7.27 12.73 24.55
N MSE B 221 -7.99 12.28 23.52
CA MSE B 221 -9.45 12.33 23.48
C MSE B 221 -10.01 13.70 23.07
O MSE B 221 -11.22 13.94 23.19
CB MSE B 221 -10.07 11.84 24.82
CG MSE B 221 -9.65 10.41 25.24
SE MSE B 221 -10.04 9.04 23.91
CE MSE B 221 -8.96 7.61 24.68
N ALA B 222 -9.15 14.59 22.59
CA ALA B 222 -9.61 15.92 22.13
C ALA B 222 -10.72 15.77 21.11
N GLU B 223 -11.78 16.57 21.31
CA GLU B 223 -12.95 16.56 20.44
C GLU B 223 -12.63 17.14 19.06
N ASN B 224 -11.83 18.19 19.05
CA ASN B 224 -11.50 18.88 17.82
C ASN B 224 -10.01 18.69 17.56
N SER B 225 -9.72 17.73 16.67
CA SER B 225 -8.36 17.20 16.53
C SER B 225 -7.69 17.50 15.19
N VAL B 226 -8.34 18.34 14.39
CA VAL B 226 -7.89 18.58 13.04
C VAL B 226 -6.48 19.19 13.01
N TYR B 227 -6.14 20.00 14.01
CA TYR B 227 -4.81 20.56 14.05
C TYR B 227 -3.77 19.45 14.14
N TYR B 228 -4.01 18.48 15.02
CA TYR B 228 -3.03 17.38 15.28
C TYR B 228 -3.01 16.42 14.10
N LEU B 229 -4.17 16.17 13.50
CA LEU B 229 -4.23 15.42 12.26
C LEU B 229 -3.31 16.00 11.16
N SER B 230 -3.26 17.34 11.07
CA SER B 230 -2.44 18.00 10.05
C SER B 230 -0.95 17.78 10.31
N GLN B 231 -0.63 17.28 11.51
CA GLN B 231 0.76 17.03 11.88
C GLN B 231 1.14 15.55 11.74
N VAL B 232 0.20 14.70 11.31
CA VAL B 232 0.49 13.28 11.16
C VAL B 232 1.08 12.99 9.77
N PRO B 233 2.26 12.35 9.72
CA PRO B 233 2.86 12.04 8.39
C PRO B 233 1.95 11.18 7.52
N GLY B 234 1.94 11.47 6.22
CA GLY B 234 1.12 10.71 5.29
C GLY B 234 -0.28 11.20 5.08
N VAL B 235 -0.66 12.31 5.73
CA VAL B 235 -1.97 12.88 5.51
C VAL B 235 -1.91 13.78 4.27
N ASP B 236 -2.72 13.48 3.26
CA ASP B 236 -2.70 14.30 2.04
C ASP B 236 -3.79 15.39 1.97
N ALA B 237 -4.91 15.17 2.64
CA ALA B 237 -6.02 16.12 2.67
C ALA B 237 -6.86 15.85 3.92
N ILE B 238 -7.43 16.92 4.49
CA ILE B 238 -8.35 16.77 5.58
C ILE B 238 -9.69 17.40 5.24
N MSE B 239 -10.71 16.55 5.13
CA MSE B 239 -12.05 17.02 4.90
C MSE B 239 -12.74 17.01 6.26
O MSE B 239 -12.97 15.96 6.83
CB MSE B 239 -12.77 16.11 3.87
CG MSE B 239 -11.86 15.57 2.75
SE MSE B 239 -10.92 16.96 1.74
CE MSE B 239 -12.44 17.66 0.76
N PHE B 240 -13.03 18.17 6.81
CA PHE B 240 -13.56 18.19 8.17
C PHE B 240 -14.90 18.89 8.34
N GLY B 241 -15.29 19.11 9.59
CA GLY B 241 -16.65 19.53 9.91
C GLY B 241 -16.87 19.55 11.41
N HIS B 242 -18.10 19.24 11.82
CA HIS B 242 -18.52 19.16 13.23
C HIS B 242 -18.73 20.53 13.88
N ALA B 243 -17.77 21.44 13.69
CA ALA B 243 -17.80 22.79 14.27
C ALA B 243 -18.82 23.75 13.64
N HIS B 244 -19.33 23.44 12.45
CA HIS B 244 -20.31 24.30 11.77
C HIS B 244 -19.73 25.70 11.44
N ALA B 245 -18.42 25.78 11.22
CA ALA B 245 -17.82 27.03 10.77
C ALA B 245 -17.29 26.84 9.35
N VAL B 246 -16.53 27.82 8.87
CA VAL B 246 -15.97 27.75 7.53
C VAL B 246 -14.44 27.84 7.55
N PHE B 247 -13.79 26.81 7.02
CA PHE B 247 -12.35 26.81 6.77
C PHE B 247 -12.08 26.44 5.32
N PRO B 248 -11.16 27.15 4.67
CA PRO B 248 -10.40 28.31 5.14
C PRO B 248 -11.30 29.54 5.31
N GLY B 249 -10.97 30.38 6.30
CA GLY B 249 -11.74 31.56 6.60
C GLY B 249 -11.08 32.37 7.70
N LYS B 250 -11.52 33.62 7.85
CA LYS B 250 -10.87 34.55 8.78
C LYS B 250 -10.94 34.12 10.27
N ASP B 251 -11.88 33.26 10.63
CA ASP B 251 -11.97 32.74 11.99
C ASP B 251 -10.70 32.00 12.44
N PHE B 252 -9.91 31.56 11.47
CA PHE B 252 -8.78 30.69 11.79
C PHE B 252 -7.46 31.36 11.50
N ALA B 253 -7.51 32.67 11.34
CA ALA B 253 -6.35 33.43 10.94
C ALA B 253 -5.18 33.32 11.92
N ASN B 254 -5.47 33.13 13.21
CA ASN B 254 -4.44 33.22 14.25
C ASN B 254 -3.86 31.88 14.65
N ILE B 255 -4.13 30.87 13.84
CA ILE B 255 -3.64 29.52 14.09
C ILE B 255 -2.33 29.30 13.36
N LYS B 256 -1.28 28.93 14.09
CA LYS B 256 0.02 28.70 13.45
C LYS B 256 -0.05 27.65 12.32
N GLY B 257 0.47 28.02 11.16
CA GLY B 257 0.53 27.11 10.01
C GLY B 257 -0.71 27.15 9.14
N ALA B 258 -1.72 27.91 9.58
CA ALA B 258 -2.92 28.09 8.78
C ALA B 258 -2.68 29.17 7.72
N ASP B 259 -2.73 28.78 6.47
CA ASP B 259 -2.66 29.69 5.35
C ASP B 259 -4.08 29.78 4.82
N ILE B 260 -4.73 30.90 5.11
CA ILE B 260 -6.13 31.10 4.82
C ILE B 260 -6.41 31.36 3.34
N ALA B 261 -5.50 32.02 2.65
CA ALA B 261 -5.69 32.26 1.21
C ALA B 261 -5.60 30.94 0.44
N LYS B 262 -4.61 30.10 0.77
CA LYS B 262 -4.44 28.82 0.08
C LYS B 262 -5.41 27.75 0.55
N GLY B 263 -5.68 27.72 1.86
CA GLY B 263 -6.55 26.71 2.44
C GLY B 263 -5.76 25.51 2.91
N THR B 264 -4.63 25.78 3.54
CA THR B 264 -3.78 24.72 4.05
C THR B 264 -3.48 24.91 5.53
N LEU B 265 -3.13 23.79 6.16
CA LEU B 265 -2.83 23.75 7.57
C LEU B 265 -1.54 22.95 7.74
N ASN B 266 -0.47 23.64 8.12
CA ASN B 266 0.87 23.04 8.12
C ASN B 266 1.16 22.34 6.78
N GLY B 267 0.84 23.02 5.68
CA GLY B 267 1.05 22.46 4.35
C GLY B 267 0.01 21.48 3.80
N VAL B 268 -0.94 21.07 4.64
CA VAL B 268 -1.96 20.09 4.24
C VAL B 268 -3.26 20.80 3.86
N PRO B 269 -3.79 20.52 2.65
CA PRO B 269 -5.04 21.20 2.28
C PRO B 269 -6.19 20.67 3.14
N ALA B 270 -7.06 21.58 3.56
CA ALA B 270 -8.12 21.24 4.51
C ALA B 270 -9.32 22.13 4.27
N VAL B 271 -10.51 21.58 4.47
CA VAL B 271 -11.71 22.34 4.25
C VAL B 271 -12.83 21.90 5.19
N MSE B 272 -13.60 22.86 5.67
CA MSE B 272 -14.80 22.61 6.48
C MSE B 272 -15.91 23.46 5.87
O MSE B 272 -15.92 24.69 6.02
CB MSE B 272 -14.57 23.00 7.94
CG MSE B 272 -15.87 23.02 8.79
SE MSE B 272 -15.59 23.22 10.70
CE MSE B 272 -14.54 24.86 10.71
N PRO B 273 -16.83 22.83 5.14
CA PRO B 273 -17.83 23.61 4.42
C PRO B 273 -19.14 23.84 5.19
N GLY B 274 -19.04 24.51 6.33
CA GLY B 274 -20.23 25.04 7.00
C GLY B 274 -21.23 24.03 7.53
N MSE B 275 -22.50 24.27 7.23
CA MSE B 275 -23.60 23.47 7.78
C MSE B 275 -24.80 23.44 6.85
O MSE B 275 -25.01 24.35 6.06
CB MSE B 275 -24.03 23.99 9.15
CG MSE B 275 -24.48 25.42 9.15
SE MSE B 275 -24.96 26.03 10.93
CE MSE B 275 -24.28 27.86 10.80
N TRP B 276 -25.56 22.33 6.93
CA TRP B 276 -26.85 22.18 6.26
C TRP B 276 -26.73 22.26 4.75
N GLY B 277 -25.54 22.07 4.24
CA GLY B 277 -25.31 22.14 2.80
C GLY B 277 -25.12 23.54 2.30
N ASP B 278 -24.82 24.50 3.19
CA ASP B 278 -24.64 25.89 2.75
C ASP B 278 -23.31 26.12 2.01
N HIS B 279 -22.41 25.14 2.07
CA HIS B 279 -21.17 25.16 1.28
C HIS B 279 -20.79 23.78 0.73
N LEU B 280 -20.06 23.78 -0.37
CA LEU B 280 -19.33 22.58 -0.81
C LEU B 280 -17.83 22.78 -0.58
N GLY B 281 -17.21 21.86 0.15
CA GLY B 281 -15.75 21.88 0.34
C GLY B 281 -15.08 21.37 -0.91
N VAL B 282 -14.11 22.13 -1.44
CA VAL B 282 -13.38 21.74 -2.65
C VAL B 282 -11.87 21.80 -2.41
N VAL B 283 -11.22 20.62 -2.44
CA VAL B 283 -9.76 20.53 -2.36
C VAL B 283 -9.19 20.15 -3.72
N ASP B 284 -8.12 20.82 -4.13
CA ASP B 284 -7.44 20.48 -5.38
C ASP B 284 -5.99 20.11 -5.16
N LEU B 285 -5.65 18.89 -5.58
CA LEU B 285 -4.28 18.42 -5.48
C LEU B 285 -3.67 18.31 -6.87
N VAL B 286 -2.37 18.57 -6.93
CA VAL B 286 -1.56 18.22 -8.08
C VAL B 286 -0.59 17.15 -7.66
N LEU B 287 -0.70 16.00 -8.32
CA LEU B 287 0.11 14.86 -8.02
C LEU B 287 1.13 14.65 -9.13
N ASN B 288 2.28 14.09 -8.75
CA ASN B 288 3.32 13.79 -9.71
C ASN B 288 4.02 12.47 -9.33
N ASN B 289 4.29 11.62 -10.32
CA ASN B 289 4.91 10.32 -10.07
C ASN B 289 6.38 10.18 -10.50
N ASP B 290 7.07 11.30 -10.72
CA ASP B 290 8.50 11.33 -11.06
C ASP B 290 9.39 10.46 -10.17
N SER B 291 9.16 10.50 -8.86
CA SER B 291 9.95 9.73 -7.93
C SER B 291 9.65 8.23 -7.98
N GLY B 292 8.60 7.86 -8.69
CA GLY B 292 8.14 6.48 -8.70
C GLY B 292 6.98 6.21 -7.76
N LYS B 293 6.70 7.17 -6.87
CA LYS B 293 5.44 7.21 -6.10
C LYS B 293 4.69 8.48 -6.45
N TRP B 294 3.37 8.45 -6.27
CA TRP B 294 2.58 9.66 -6.32
C TRP B 294 2.93 10.55 -5.13
N GLN B 295 3.35 11.78 -5.44
N GLN B 295 3.35 11.77 -5.42
CA GLN B 295 3.59 12.82 -4.47
CA GLN B 295 3.54 12.79 -4.40
C GLN B 295 2.74 14.03 -4.82
C GLN B 295 2.81 14.06 -4.80
N VAL B 296 2.28 14.74 -3.78
CA VAL B 296 1.53 15.96 -3.97
C VAL B 296 2.53 17.08 -4.09
N THR B 297 2.41 17.88 -5.14
CA THR B 297 3.37 18.96 -5.39
C THR B 297 2.72 20.35 -5.25
N GLN B 298 1.39 20.40 -5.29
CA GLN B 298 0.64 21.63 -5.06
C GLN B 298 -0.70 21.24 -4.46
N SER B 299 -1.29 22.13 -3.71
CA SER B 299 -2.59 21.86 -3.13
C SER B 299 -3.22 23.16 -2.70
N LYS B 300 -4.54 23.18 -2.65
CA LYS B 300 -5.28 24.35 -2.21
C LYS B 300 -6.67 23.87 -1.82
N ALA B 301 -7.42 24.69 -1.09
CA ALA B 301 -8.77 24.33 -0.69
C ALA B 301 -9.64 25.56 -0.54
N GLU B 302 -10.94 25.40 -0.76
CA GLU B 302 -11.90 26.48 -0.51
C GLU B 302 -13.26 25.87 -0.19
N ALA B 303 -14.03 26.58 0.63
CA ALA B 303 -15.42 26.23 0.86
C ALA B 303 -16.29 27.16 0.00
N ARG B 304 -16.89 26.60 -1.06
CA ARG B 304 -17.77 27.34 -1.98
C ARG B 304 -19.19 27.50 -1.41
N PRO B 305 -19.67 28.74 -1.20
CA PRO B 305 -21.03 28.95 -0.66
C PRO B 305 -22.16 28.75 -1.68
N ILE B 306 -23.34 28.31 -1.24
CA ILE B 306 -24.51 28.26 -2.13
C ILE B 306 -25.20 29.63 -2.25
N TYR B 307 -24.90 30.52 -1.31
CA TYR B 307 -25.52 31.84 -1.30
C TYR B 307 -24.50 32.95 -1.12
N ASP B 308 -24.54 33.94 -2.01
CA ASP B 308 -23.71 35.14 -1.88
C ASP B 308 -24.35 36.11 -0.90
N ALA B 309 -23.86 36.09 0.34
CA ALA B 309 -24.49 36.81 1.46
C ALA B 309 -24.45 38.34 1.33
N VAL B 310 -23.38 38.86 0.72
CA VAL B 310 -23.26 40.30 0.55
C VAL B 310 -24.20 40.79 -0.57
N ALA B 311 -24.04 40.19 -1.77
CA ALA B 311 -24.87 40.49 -2.95
C ALA B 311 -26.29 39.97 -2.83
N LYS B 312 -26.62 39.33 -1.70
CA LYS B 312 -27.93 38.73 -1.44
C LYS B 312 -28.54 37.96 -2.65
N LYS B 313 -27.77 37.08 -3.27
CA LYS B 313 -28.27 36.25 -4.38
C LYS B 313 -27.71 34.81 -4.41
N SER B 314 -28.49 33.92 -5.02
CA SER B 314 -28.18 32.49 -5.04
C SER B 314 -27.07 32.15 -6.01
N LEU B 315 -26.18 31.25 -5.62
CA LEU B 315 -25.08 30.79 -6.48
C LEU B 315 -25.25 29.35 -6.93
N ALA B 316 -26.35 28.74 -6.50
CA ALA B 316 -26.62 27.34 -6.82
C ALA B 316 -28.12 27.09 -6.92
N ALA B 317 -28.55 26.64 -8.10
CA ALA B 317 -29.98 26.38 -8.35
C ALA B 317 -30.43 25.10 -7.64
N GLU B 318 -31.74 24.97 -7.39
CA GLU B 318 -32.25 23.72 -6.83
C GLU B 318 -32.24 22.64 -7.92
N ASP B 319 -31.76 21.45 -7.59
CA ASP B 319 -31.50 20.41 -8.60
C ASP B 319 -32.78 19.75 -9.10
N GLY B 320 -32.91 19.71 -10.44
CA GLY B 320 -34.05 19.09 -11.12
C GLY B 320 -34.37 17.69 -10.62
N LYS B 321 -33.48 16.75 -10.95
CA LYS B 321 -33.64 15.34 -10.59
C LYS B 321 -33.84 15.12 -9.10
N LEU B 322 -33.08 15.81 -8.24
CA LEU B 322 -33.19 15.64 -6.79
C LEU B 322 -34.53 16.09 -6.23
N VAL B 323 -35.06 17.16 -6.81
CA VAL B 323 -36.39 17.65 -6.44
C VAL B 323 -37.44 16.54 -6.66
N SER B 324 -37.37 15.93 -7.85
CA SER B 324 -38.25 14.85 -8.27
C SER B 324 -38.12 13.63 -7.33
N VAL B 325 -36.88 13.20 -7.11
CA VAL B 325 -36.55 12.08 -6.20
C VAL B 325 -37.08 12.27 -4.77
N LEU B 326 -37.05 13.51 -4.30
CA LEU B 326 -37.41 13.79 -2.91
C LEU B 326 -38.90 14.11 -2.75
N LYS B 327 -39.59 14.33 -3.87
CA LYS B 327 -41.00 14.77 -3.91
C LYS B 327 -41.89 14.09 -2.85
N ALA B 328 -41.99 12.76 -2.96
CA ALA B 328 -42.80 11.95 -2.05
C ALA B 328 -42.47 12.30 -0.61
N ASP B 329 -41.22 12.04 -0.24
CA ASP B 329 -40.71 12.26 1.12
C ASP B 329 -40.80 13.71 1.58
N HIS B 330 -40.68 14.64 0.64
CA HIS B 330 -40.88 16.05 0.95
C HIS B 330 -42.32 16.30 1.46
N ASP B 331 -43.30 15.80 0.70
CA ASP B 331 -44.72 15.89 1.08
C ASP B 331 -44.97 15.27 2.44
N ALA B 332 -44.48 14.05 2.65
CA ALA B 332 -44.62 13.35 3.94
C ALA B 332 -44.10 14.16 5.13
N THR B 333 -43.15 15.05 4.87
CA THR B 333 -42.48 15.84 5.91
C THR B 333 -43.32 17.04 6.29
N ARG B 334 -43.93 17.67 5.30
CA ARG B 334 -44.92 18.72 5.53
C ARG B 334 -46.03 18.18 6.46
N GLU B 335 -46.60 17.02 6.07
CA GLU B 335 -47.64 16.32 6.85
C GLU B 335 -47.21 16.11 8.30
N PHE B 336 -46.05 15.50 8.50
CA PHE B 336 -45.50 15.25 9.84
C PHE B 336 -45.45 16.50 10.72
N VAL B 337 -45.20 17.65 10.13
CA VAL B 337 -45.01 18.87 10.90
C VAL B 337 -46.34 19.59 11.17
N SER B 338 -47.20 19.66 10.14
CA SER B 338 -48.43 20.48 10.16
C SER B 338 -49.34 20.29 11.39
MN MN C . 9.79 -6.45 -4.26
N1 EPE D . 8.76 0.95 -6.54
C2 EPE D . 8.83 2.28 -7.14
C3 EPE D . 9.45 3.22 -6.10
N4 EPE D . 9.55 2.59 -4.80
C5 EPE D . 8.37 1.89 -4.32
C6 EPE D . 7.77 1.05 -5.45
C7 EPE D . 10.79 2.56 -4.02
C8 EPE D . 11.71 1.41 -4.48
O8 EPE D . 12.82 1.15 -3.64
C9 EPE D . 8.29 -0.01 -7.54
C10 EPE D . 9.23 -1.21 -7.58
S EPE D . 8.89 -2.48 -6.34
O1S EPE D . 10.16 -3.09 -5.96
O2S EPE D . 7.95 -3.47 -6.85
O3S EPE D . 8.25 -1.89 -5.17
MN MN E . 11.69 -4.90 -6.09
C1 GOL F . 37.85 -8.80 -8.61
O1 GOL F . 38.30 -8.07 -9.73
C2 GOL F . 36.41 -8.39 -8.32
O2 GOL F . 35.77 -9.38 -7.53
C3 GOL F . 36.39 -7.04 -7.59
O3 GOL F . 36.07 -5.99 -8.50
C1 GOL G . 27.71 2.40 15.54
O1 GOL G . 27.05 1.21 15.22
C2 GOL G . 26.94 3.07 16.68
O2 GOL G . 26.07 2.12 17.25
C3 GOL G . 26.13 4.21 16.09
O3 GOL G . 25.98 4.00 14.71
C1 GOL H . 15.21 -34.33 -11.56
O1 GOL H . 14.13 -33.51 -11.12
C2 GOL H . 16.43 -34.04 -10.70
O2 GOL H . 16.06 -33.20 -9.64
C3 GOL H . 16.97 -35.34 -10.09
O3 GOL H . 18.19 -35.08 -9.43
C1 GOL I . 23.19 -27.76 3.37
O1 GOL I . 22.73 -28.35 2.17
C2 GOL I . 22.24 -28.02 4.54
O2 GOL I . 20.93 -27.74 4.16
C3 GOL I . 22.60 -27.19 5.77
O3 GOL I . 21.44 -26.58 6.32
S SO4 J . 42.31 0.45 -5.05
O1 SO4 J . 42.54 1.47 -6.08
O2 SO4 J . 43.56 0.04 -4.42
O3 SO4 J . 41.45 1.06 -4.04
O4 SO4 J . 41.67 -0.75 -5.65
S SO4 K . 8.96 -19.36 -29.51
O1 SO4 K . 8.48 -19.57 -30.88
O2 SO4 K . 10.40 -19.59 -29.52
O3 SO4 K . 8.57 -18.03 -29.10
O4 SO4 K . 8.37 -20.30 -28.56
S SO4 L . -2.03 -10.81 23.41
O1 SO4 L . -2.60 -11.82 22.52
O2 SO4 L . -0.58 -10.98 23.46
O3 SO4 L . -2.38 -9.46 22.94
O4 SO4 L . -2.57 -10.98 24.75
C1 GOL M . 6.23 0.02 -1.54
O1 GOL M . 6.61 1.27 -2.06
C2 GOL M . 7.07 -0.24 -0.32
O2 GOL M . 7.11 -1.61 0.00
C3 GOL M . 6.51 0.59 0.83
O3 GOL M . 6.34 1.89 0.34
C1 GOL N . 22.50 7.62 7.57
O1 GOL N . 23.58 8.20 8.28
C2 GOL N . 22.39 8.02 6.10
O2 GOL N . 21.63 7.02 5.49
C3 GOL N . 23.70 8.04 5.34
O3 GOL N . 23.91 6.72 4.86
MN MN O . -21.28 17.20 14.91
MN MN P . -23.13 18.77 13.28
N1 EPE Q . -25.23 18.05 21.23
C2 EPE Q . -25.08 16.59 21.01
C3 EPE Q . -26.39 15.83 21.30
N4 EPE Q . -27.60 16.50 20.82
C5 EPE Q . -27.68 17.97 20.76
C6 EPE Q . -26.33 18.63 20.44
C7 EPE Q . -28.81 15.73 20.60
C8 EPE Q . -29.22 14.96 21.86
O8 EPE Q . -28.94 13.59 21.69
C9 EPE Q . -23.97 18.70 20.84
C10 EPE Q . -23.22 17.81 19.87
S EPE Q . -22.70 18.77 18.42
O1S EPE Q . -22.38 17.93 17.27
O2S EPE Q . -21.56 19.55 18.85
O3S EPE Q . -23.83 19.64 18.04
C TAM R . -21.14 -0.51 5.84
C1 TAM R . -21.34 -1.64 4.83
C2 TAM R . -19.87 -0.72 6.64
C3 TAM R . -22.31 -0.40 6.82
C4 TAM R . -21.08 -1.14 3.40
C5 TAM R . -19.57 0.47 7.55
C6 TAM R . -21.80 -0.72 8.23
N TAM R . -21.03 0.71 5.04
O4 TAM R . -19.79 -1.58 2.96
O5 TAM R . -18.18 0.47 7.89
O6 TAM R . -22.89 -0.87 9.16
C1 GOL S . 0.30 12.11 19.89
O1 GOL S . -0.29 10.95 19.34
C2 GOL S . 0.58 13.08 18.76
O2 GOL S . 1.96 13.14 18.53
C3 GOL S . 0.04 14.47 19.09
O3 GOL S . 1.05 15.31 19.60
C1 GOL T . -13.62 11.39 26.40
O1 GOL T . -12.80 11.81 27.48
C2 GOL T . -14.74 10.50 26.95
O2 GOL T . -14.53 9.21 26.43
C3 GOL T . -16.12 11.02 26.53
O3 GOL T . -16.33 12.38 26.87
C1 GOL U . -18.79 10.88 -11.90
O1 GOL U . -19.92 11.42 -11.24
C2 GOL U . -17.58 11.78 -11.73
O2 GOL U . -16.41 11.13 -12.19
C3 GOL U . -17.77 13.09 -12.49
O3 GOL U . -16.70 13.27 -13.41
#